data_7XBW
#
_entry.id   7XBW
#
_cell.length_a   1.00
_cell.length_b   1.00
_cell.length_c   1.00
_cell.angle_alpha   90.00
_cell.angle_beta   90.00
_cell.angle_gamma   90.00
#
_symmetry.space_group_name_H-M   'P 1'
#
loop_
_entity.id
_entity.type
_entity.pdbx_description
1 polymer 'Guanine nucleotide-binding protein G(i) subunit alpha-1'
2 polymer 'Guanine nucleotide-binding protein G(I)/G(S)/G(T) subunit beta-1'
3 polymer 'Guanine nucleotide-binding protein G(I)/G(S)/G(O) subunit gamma-2'
4 polymer 'CX3C chemokine receptor 1'
5 non-polymer CHOLESTEROL
#
loop_
_entity_poly.entity_id
_entity_poly.type
_entity_poly.pdbx_seq_one_letter_code
_entity_poly.pdbx_strand_id
1 'polypeptide(L)'
;MGCTLSAEDKAAVERSKMIDRNLREDGEKAAREVKLLLLGAGESGKCTIVKQMKIIHEAGYSEEECKQYKAVVYSNTIQS
IIAIIRAMGRLKIDFGDSARADDARQLFVLAGAAEEGFMTAELAGVIKRLWKDSGVQACFNRSREYQLNDSAAYYLNDLD
RIAQPNYIPTQQDVLRTRVKTTGIVETHFTFKDLHFKMFDVTAQRSERKKWIHCFEGVTAIIFCVALSDYDLVLAEDEEM
NRMHASMKLFDSICNNKWFTDTSIILFLNKKDLFEEKIKKSPLTICYPEYAGSNTYEEAAAYIQCQFEDLNKRKDTKEIY
THFTCSTDTKNVQFVFDAVTDVIIKNNLKDCGLF
;
C
2 'polypeptide(L)'
;HHHHHHMSELDQLRQEAEQLKNQIRDARKACADATLSQITNNIDPVGRIQMRTRRTLRGHLAKIYAMHWGTDSRLLVSAS
QDGKLIIWDSYTTNKVHAIPLRSSWVMTCAYAPSGNYVACGGLDNICSIYNLKTREGNVRVSRELAGHTGYLSCCRFLDD
NQIVTSSGDTTCALWDIETGQQTTTFTGHTGDVMSLSLAPDTRLFVSGACDASAKLWDVREGMCRQTFTGHESDINAICF
FPNGNAFATGSDDATCRLFDLRADQELMTYSHDNIICGITSVSFSKSGRLLLAGYDDFNCNVWDALKADRAGVLAGHDNR
VSCLGVTDDGMAVATGSWDSFLKIWN
;
D
3 'polypeptide(L)' MASNNTASIAQARKLVEQLKMEANIDRIKVSKAAADLMAYCEAHAKEDPLLTPVPASENPFREKKFFCAIL E
4 'polypeptide(L)'
;MDQFPESVTENFEYDDLAEACYIGDIVVFGTVFLSIFYSVIFAIGLVGNLLVVFALTNSKKPKSVTDIYLLNLALSDLLF
VATLPFWTHYLINEKGLHNAMCKFTTAFFFIGFFGSIFFLTVISIDRYLAIVLAANSMNNRTVQHGVTISLGVWAAAILV
AAPQFMFTKQKENECLGDYPEVLQEIWPVLRNVETNFLGFLLPLLIMSYCYFRIIQTLFSSKNHKKAKAIKLILLVVIVF
FLFWTPYNVVIFLETLKLYDFFPSCDMRKDLRLALSVTETVAFSHCCLNPLIYAFAGEKFRRYLYHLYGKCLAVLEFLEV
LFQGPWSHPQFEKGGGSGGGSGGSAWSHPQFEKDYKDDDDK
;
R
#
loop_
_chem_comp.id
_chem_comp.type
_chem_comp.name
_chem_comp.formula
CLR non-polymer CHOLESTEROL 'C27 H46 O'
#
# COMPACT_ATOMS: atom_id res chain seq x y z
N SER A 6 31.36 20.76 -3.36
CA SER A 6 30.12 19.99 -3.23
C SER A 6 30.29 18.59 -3.81
N ALA A 7 31.54 18.11 -3.86
CA ALA A 7 31.81 16.78 -4.37
C ALA A 7 31.17 15.70 -3.50
N GLU A 8 31.27 15.86 -2.17
CA GLU A 8 30.66 14.90 -1.27
C GLU A 8 29.14 14.87 -1.43
N ASP A 9 28.52 16.05 -1.56
CA ASP A 9 27.08 16.11 -1.75
C ASP A 9 26.66 15.44 -3.05
N LYS A 10 27.42 15.69 -4.13
CA LYS A 10 27.10 15.06 -5.41
C LYS A 10 27.26 13.54 -5.34
N ALA A 11 28.32 13.07 -4.67
CA ALA A 11 28.52 11.63 -4.51
C ALA A 11 27.38 11.01 -3.70
N ALA A 12 26.96 11.67 -2.61
CA ALA A 12 25.84 11.16 -1.83
C ALA A 12 24.56 11.14 -2.65
N VAL A 13 24.33 12.17 -3.46
CA VAL A 13 23.12 12.24 -4.27
C VAL A 13 23.10 11.12 -5.30
N GLU A 14 24.22 10.89 -5.98
CA GLU A 14 24.26 9.85 -7.01
C GLU A 14 24.15 8.46 -6.38
N ARG A 15 24.76 8.25 -5.21
CA ARG A 15 24.60 6.99 -4.51
C ARG A 15 23.16 6.76 -4.10
N SER A 16 22.49 7.81 -3.61
CA SER A 16 21.08 7.69 -3.25
C SER A 16 20.23 7.37 -4.46
N LYS A 17 20.51 8.01 -5.60
CA LYS A 17 19.74 7.72 -6.81
C LYS A 17 19.95 6.28 -7.28
N MET A 18 21.20 5.80 -7.25
CA MET A 18 21.46 4.44 -7.72
C MET A 18 20.82 3.41 -6.79
N ILE A 19 20.89 3.61 -5.47
CA ILE A 19 20.27 2.66 -4.57
C ILE A 19 18.75 2.76 -4.64
N ASP A 20 18.22 3.95 -4.93
CA ASP A 20 16.78 4.10 -5.13
C ASP A 20 16.32 3.33 -6.36
N ARG A 21 17.08 3.40 -7.46
CA ARG A 21 16.71 2.65 -8.66
C ARG A 21 16.84 1.15 -8.42
N ASN A 22 17.85 0.74 -7.65
CA ASN A 22 17.98 -0.67 -7.31
C ASN A 22 16.79 -1.14 -6.47
N LEU A 23 16.37 -0.32 -5.50
CA LEU A 23 15.21 -0.66 -4.69
C LEU A 23 13.94 -0.71 -5.54
N ARG A 24 13.80 0.21 -6.50
CA ARG A 24 12.63 0.20 -7.36
C ARG A 24 12.58 -1.04 -8.23
N GLU A 25 13.71 -1.43 -8.83
CA GLU A 25 13.70 -2.63 -9.66
C GLU A 25 13.50 -3.90 -8.82
N ASP A 26 14.05 -3.92 -7.60
CA ASP A 26 13.80 -5.05 -6.72
C ASP A 26 12.34 -5.14 -6.33
N GLY A 27 11.70 -4.00 -6.05
CA GLY A 27 10.28 -4.00 -5.74
C GLY A 27 9.43 -4.46 -6.93
N GLU A 28 9.80 -4.03 -8.13
CA GLU A 28 9.10 -4.50 -9.32
C GLU A 28 9.25 -6.01 -9.49
N LYS A 29 10.46 -6.53 -9.27
CA LYS A 29 10.68 -7.98 -9.36
C LYS A 29 9.85 -8.72 -8.31
N ALA A 30 9.78 -8.18 -7.09
CA ALA A 30 8.95 -8.79 -6.06
C ALA A 30 7.49 -8.77 -6.45
N ALA A 31 7.03 -7.67 -7.04
CA ALA A 31 5.64 -7.58 -7.50
C ALA A 31 5.35 -8.57 -8.62
N ARG A 32 6.36 -8.91 -9.42
CA ARG A 32 6.19 -9.93 -10.46
C ARG A 32 5.93 -11.32 -9.87
N GLU A 33 6.22 -11.53 -8.59
CA GLU A 33 6.01 -12.82 -7.96
C GLU A 33 4.59 -12.92 -7.41
N VAL A 34 4.22 -14.14 -7.02
CA VAL A 34 2.90 -14.44 -6.47
C VAL A 34 3.08 -14.88 -5.02
N LYS A 35 2.35 -14.24 -4.12
CA LYS A 35 2.43 -14.51 -2.69
C LYS A 35 1.19 -15.25 -2.24
N LEU A 36 1.39 -16.37 -1.54
CA LEU A 36 0.30 -17.18 -1.03
C LEU A 36 0.51 -17.43 0.45
N LEU A 37 -0.59 -17.40 1.21
CA LEU A 37 -0.56 -17.61 2.65
C LEU A 37 -1.18 -18.97 2.98
N LEU A 38 -0.49 -19.76 3.79
CA LEU A 38 -0.93 -21.08 4.18
C LEU A 38 -1.54 -21.02 5.59
N LEU A 39 -2.71 -21.63 5.75
CA LEU A 39 -3.41 -21.63 7.02
C LEU A 39 -4.01 -23.00 7.26
N GLY A 40 -4.30 -23.29 8.53
CA GLY A 40 -4.88 -24.56 8.91
C GLY A 40 -4.83 -24.79 10.41
N ALA A 41 -5.90 -25.36 10.97
CA ALA A 41 -5.95 -25.60 12.41
C ALA A 41 -4.92 -26.64 12.82
N GLY A 42 -4.91 -27.78 12.13
CA GLY A 42 -3.96 -28.84 12.43
C GLY A 42 -3.47 -29.57 11.20
N GLU A 43 -3.83 -29.07 10.02
CA GLU A 43 -3.47 -29.69 8.76
C GLU A 43 -2.51 -28.78 8.00
N SER A 44 -1.37 -29.34 7.60
CA SER A 44 -0.36 -28.60 6.85
C SER A 44 0.53 -29.59 6.11
N GLY A 45 1.27 -29.07 5.14
CA GLY A 45 2.18 -29.87 4.36
C GLY A 45 1.60 -30.53 3.13
N LYS A 46 0.29 -30.39 2.91
CA LYS A 46 -0.31 -30.97 1.72
C LYS A 46 0.21 -30.33 0.44
N CYS A 47 0.36 -29.00 0.46
CA CYS A 47 0.86 -28.29 -0.71
C CYS A 47 2.39 -28.17 -0.74
N THR A 48 3.05 -28.26 0.42
CA THR A 48 4.49 -28.17 0.47
C THR A 48 5.18 -29.48 0.09
N ILE A 49 4.45 -30.58 0.01
CA ILE A 49 5.03 -31.87 -0.34
C ILE A 49 5.23 -32.05 -1.84
N VAL A 50 4.90 -31.04 -2.65
CA VAL A 50 5.07 -31.16 -4.08
C VAL A 50 6.55 -31.18 -4.45
N LYS A 51 6.85 -31.75 -5.61
CA LYS A 51 8.21 -31.84 -6.10
C LYS A 51 8.67 -30.60 -6.85
N GLN A 52 7.77 -29.65 -7.10
CA GLN A 52 8.12 -28.43 -7.81
C GLN A 52 8.81 -27.40 -6.92
N MET A 53 8.82 -27.62 -5.61
CA MET A 53 9.45 -26.66 -4.70
C MET A 53 10.95 -26.62 -4.90
N LYS A 54 11.50 -25.40 -4.90
CA LYS A 54 12.93 -25.19 -5.08
C LYS A 54 13.62 -24.56 -3.88
N ILE A 55 12.88 -23.92 -2.98
CA ILE A 55 13.46 -23.30 -1.80
C ILE A 55 12.62 -23.64 -0.57
N THR A 182 12.96 -20.22 13.66
CA THR A 182 12.22 -19.93 12.43
C THR A 182 10.71 -20.06 12.67
N GLY A 183 9.98 -18.98 12.41
CA GLY A 183 8.55 -18.98 12.62
C GLY A 183 7.77 -19.03 11.32
N ILE A 184 8.35 -18.52 10.24
CA ILE A 184 7.72 -18.48 8.93
C ILE A 184 8.63 -19.21 7.95
N VAL A 185 8.07 -20.16 7.22
CA VAL A 185 8.80 -20.94 6.22
C VAL A 185 8.34 -20.48 4.85
N GLU A 186 9.30 -20.07 4.01
CA GLU A 186 9.01 -19.62 2.66
C GLU A 186 9.35 -20.73 1.68
N THR A 187 8.36 -21.10 0.85
CA THR A 187 8.52 -22.15 -0.15
C THR A 187 8.31 -21.54 -1.53
N HIS A 188 9.27 -21.78 -2.43
CA HIS A 188 9.22 -21.26 -3.78
C HIS A 188 9.08 -22.42 -4.76
N PHE A 189 8.08 -22.33 -5.63
CA PHE A 189 7.88 -23.30 -6.70
C PHE A 189 7.35 -22.59 -7.93
N THR A 190 7.82 -23.01 -9.10
CA THR A 190 7.45 -22.40 -10.36
C THR A 190 6.57 -23.37 -11.15
N PHE A 191 5.37 -22.93 -11.51
CA PHE A 191 4.44 -23.71 -12.30
C PHE A 191 3.95 -22.87 -13.46
N LYS A 192 4.04 -23.43 -14.67
CA LYS A 192 3.62 -22.74 -15.89
C LYS A 192 4.31 -21.39 -16.03
N ASP A 193 5.62 -21.36 -15.75
CA ASP A 193 6.44 -20.16 -15.85
C ASP A 193 5.89 -19.03 -14.97
N LEU A 194 5.38 -19.40 -13.79
CA LEU A 194 4.89 -18.43 -12.82
C LEU A 194 5.49 -18.77 -11.46
N HIS A 195 6.05 -17.78 -10.78
CA HIS A 195 6.71 -17.98 -9.51
C HIS A 195 5.72 -17.74 -8.36
N PHE A 196 5.62 -18.71 -7.47
CA PHE A 196 4.73 -18.63 -6.31
C PHE A 196 5.56 -18.67 -5.04
N LYS A 197 5.07 -17.96 -4.01
CA LYS A 197 5.72 -17.90 -2.71
C LYS A 197 4.70 -18.24 -1.65
N MET A 198 4.94 -19.33 -0.92
CA MET A 198 4.08 -19.76 0.17
C MET A 198 4.71 -19.40 1.51
N PHE A 199 3.87 -19.05 2.47
CA PHE A 199 4.32 -18.66 3.81
C PHE A 199 3.49 -19.40 4.84
N ASP A 200 4.04 -20.50 5.37
CA ASP A 200 3.37 -21.25 6.41
C ASP A 200 3.52 -20.55 7.75
N VAL A 201 2.44 -20.55 8.54
CA VAL A 201 2.42 -19.87 9.83
C VAL A 201 2.15 -20.85 10.97
N THR A 202 2.41 -22.14 10.76
CA THR A 202 2.15 -23.12 11.80
C THR A 202 3.05 -22.89 13.01
N ALA A 203 4.30 -22.50 12.79
CA ALA A 203 5.23 -22.27 13.88
C ALA A 203 4.89 -21.02 14.70
N GLN A 204 3.98 -20.17 14.22
CA GLN A 204 3.59 -18.97 14.94
C GLN A 204 2.44 -19.33 15.88
N ARG A 205 2.75 -19.53 17.15
CA ARG A 205 1.75 -19.89 18.15
C ARG A 205 1.22 -18.69 18.93
N SER A 206 1.64 -17.47 18.57
CA SER A 206 1.20 -16.27 19.28
C SER A 206 -0.19 -15.87 18.80
N GLU A 207 -0.65 -14.69 19.22
CA GLU A 207 -1.97 -14.21 18.81
C GLU A 207 -1.96 -13.91 17.31
N ARG A 208 -2.95 -14.45 16.60
CA ARG A 208 -3.00 -14.31 15.15
C ARG A 208 -3.20 -12.86 14.74
N LYS A 209 -4.07 -12.13 15.45
CA LYS A 209 -4.41 -10.77 15.04
C LYS A 209 -3.24 -9.81 15.16
N LYS A 210 -2.20 -10.14 15.92
CA LYS A 210 -1.08 -9.23 16.12
C LYS A 210 -0.08 -9.27 14.97
N TRP A 211 -0.14 -10.29 14.11
CA TRP A 211 0.81 -10.38 12.99
C TRP A 211 0.17 -10.76 11.66
N ILE A 212 -1.11 -11.12 11.62
CA ILE A 212 -1.73 -11.50 10.35
C ILE A 212 -1.91 -10.30 9.43
N HIS A 213 -1.85 -9.09 9.96
CA HIS A 213 -1.93 -7.90 9.12
C HIS A 213 -0.70 -7.75 8.24
N CYS A 214 0.43 -8.34 8.63
CA CYS A 214 1.64 -8.27 7.81
C CYS A 214 1.48 -9.02 6.49
N PHE A 215 0.53 -9.95 6.42
CA PHE A 215 0.31 -10.73 5.21
C PHE A 215 -0.71 -10.10 4.27
N GLU A 216 -1.16 -8.88 4.56
CA GLU A 216 -2.07 -8.18 3.66
C GLU A 216 -1.40 -7.95 2.32
N GLY A 217 -2.17 -8.13 1.25
CA GLY A 217 -1.65 -7.97 -0.10
C GLY A 217 -1.30 -9.26 -0.81
N VAL A 218 -1.42 -10.41 -0.15
CA VAL A 218 -1.16 -11.68 -0.81
C VAL A 218 -2.24 -11.94 -1.85
N THR A 219 -1.86 -12.62 -2.94
CA THR A 219 -2.81 -12.89 -4.00
C THR A 219 -3.93 -13.80 -3.52
N ALA A 220 -3.58 -14.85 -2.79
CA ALA A 220 -4.57 -15.81 -2.33
C ALA A 220 -4.09 -16.45 -1.03
N ILE A 221 -5.03 -17.04 -0.31
CA ILE A 221 -4.76 -17.72 0.95
C ILE A 221 -5.18 -19.18 0.81
N ILE A 222 -4.27 -20.09 1.09
CA ILE A 222 -4.55 -21.52 1.03
C ILE A 222 -4.94 -22.00 2.42
N PHE A 223 -6.14 -22.56 2.53
CA PHE A 223 -6.64 -23.08 3.80
C PHE A 223 -6.82 -24.58 3.66
N CYS A 224 -6.21 -25.34 4.56
CA CYS A 224 -6.22 -26.80 4.52
C CYS A 224 -7.13 -27.33 5.63
N VAL A 225 -8.07 -28.19 5.25
CA VAL A 225 -9.00 -28.81 6.18
C VAL A 225 -8.94 -30.32 5.96
N ALA A 226 -8.88 -31.08 7.05
CA ALA A 226 -8.91 -32.54 6.99
C ALA A 226 -10.36 -33.01 6.99
N LEU A 227 -10.74 -33.79 5.98
CA LEU A 227 -12.10 -34.30 5.89
C LEU A 227 -12.42 -35.25 7.03
N SER A 228 -11.40 -35.90 7.60
CA SER A 228 -11.59 -36.87 8.68
C SER A 228 -11.37 -36.25 10.06
N ASP A 229 -11.59 -34.95 10.20
CA ASP A 229 -11.41 -34.26 11.46
C ASP A 229 -12.69 -34.09 12.26
N TYR A 230 -13.83 -34.52 11.73
CA TYR A 230 -15.09 -34.34 12.44
C TYR A 230 -15.17 -35.24 13.67
N ASP A 231 -14.75 -36.50 13.54
CA ASP A 231 -14.80 -37.43 14.66
C ASP A 231 -13.71 -37.12 15.68
N LEU A 232 -12.51 -36.74 15.22
CA LEU A 232 -11.41 -36.44 16.12
C LEU A 232 -11.70 -35.17 16.91
N VAL A 233 -11.29 -35.18 18.18
CA VAL A 233 -11.49 -34.03 19.05
C VAL A 233 -10.22 -33.21 19.16
N ASN A 241 -14.71 -32.24 17.22
CA ASN A 241 -14.40 -30.89 17.69
C ASN A 241 -13.33 -30.24 16.82
N ARG A 242 -12.49 -31.08 16.20
CA ARG A 242 -11.46 -30.57 15.31
C ARG A 242 -12.07 -29.87 14.10
N MET A 243 -13.14 -30.44 13.53
CA MET A 243 -13.82 -29.79 12.42
C MET A 243 -14.44 -28.47 12.85
N HIS A 244 -15.01 -28.43 14.06
CA HIS A 244 -15.57 -27.18 14.58
C HIS A 244 -14.49 -26.13 14.75
N ALA A 245 -13.31 -26.53 15.26
CA ALA A 245 -12.21 -25.59 15.40
C ALA A 245 -11.73 -25.09 14.05
N SER A 246 -11.65 -25.98 13.06
CA SER A 246 -11.24 -25.57 11.72
C SER A 246 -12.24 -24.59 11.11
N MET A 247 -13.54 -24.85 11.27
CA MET A 247 -14.55 -23.93 10.75
C MET A 247 -14.49 -22.59 11.48
N LYS A 248 -14.26 -22.60 12.79
CA LYS A 248 -14.12 -21.35 13.53
C LYS A 248 -12.91 -20.56 13.04
N LEU A 249 -11.80 -21.24 12.80
CA LEU A 249 -10.61 -20.56 12.28
C LEU A 249 -10.87 -19.99 10.89
N PHE A 250 -11.57 -20.74 10.04
CA PHE A 250 -11.91 -20.24 8.71
C PHE A 250 -12.81 -19.01 8.80
N ASP A 251 -13.80 -19.04 9.70
CA ASP A 251 -14.67 -17.89 9.89
C ASP A 251 -13.87 -16.68 10.38
N SER A 252 -12.94 -16.90 11.33
CA SER A 252 -12.14 -15.80 11.84
C SER A 252 -11.25 -15.20 10.76
N ILE A 253 -10.64 -16.04 9.92
CA ILE A 253 -9.78 -15.54 8.86
C ILE A 253 -10.60 -14.78 7.83
N CYS A 254 -11.72 -15.36 7.39
CA CYS A 254 -12.53 -14.71 6.36
C CYS A 254 -13.13 -13.40 6.87
N ASN A 255 -13.70 -13.42 8.07
CA ASN A 255 -14.35 -12.25 8.64
C ASN A 255 -13.41 -11.52 9.60
N ASN A 256 -12.27 -11.08 9.06
CA ASN A 256 -11.26 -10.38 9.84
C ASN A 256 -11.04 -8.95 9.36
N LYS A 257 -11.84 -8.47 8.41
CA LYS A 257 -11.79 -7.10 7.85
C LYS A 257 -10.37 -6.69 7.43
N TRP A 258 -9.48 -7.66 7.25
CA TRP A 258 -8.15 -7.43 6.71
C TRP A 258 -7.85 -8.23 5.46
N PHE A 259 -8.66 -9.24 5.14
CA PHE A 259 -8.48 -10.07 3.96
C PHE A 259 -9.74 -10.08 3.10
N THR A 260 -10.52 -9.00 3.17
CA THR A 260 -11.78 -8.94 2.42
C THR A 260 -11.54 -8.98 0.92
N ASP A 261 -10.55 -8.23 0.44
CA ASP A 261 -10.27 -8.21 -1.00
C ASP A 261 -9.62 -9.51 -1.45
N THR A 262 -8.72 -10.07 -0.63
CA THR A 262 -8.01 -11.27 -1.01
C THR A 262 -8.93 -12.49 -0.94
N SER A 263 -8.78 -13.39 -1.92
CA SER A 263 -9.57 -14.60 -1.94
C SER A 263 -8.94 -15.66 -1.04
N ILE A 264 -9.70 -16.73 -0.81
CA ILE A 264 -9.26 -17.85 0.02
C ILE A 264 -9.39 -19.13 -0.80
N ILE A 265 -8.30 -19.89 -0.86
CA ILE A 265 -8.30 -21.20 -1.52
C ILE A 265 -8.50 -22.26 -0.44
N LEU A 266 -9.54 -23.06 -0.61
CA LEU A 266 -9.91 -24.07 0.38
C LEU A 266 -9.50 -25.44 -0.14
N PHE A 267 -8.72 -26.17 0.65
CA PHE A 267 -8.28 -27.52 0.32
C PHE A 267 -8.85 -28.49 1.35
N LEU A 268 -9.47 -29.57 0.87
CA LEU A 268 -10.03 -30.60 1.74
C LEU A 268 -9.17 -31.85 1.56
N ASN A 269 -8.31 -32.11 2.55
CA ASN A 269 -7.34 -33.19 2.49
C ASN A 269 -7.89 -34.44 3.16
N LYS A 270 -7.06 -35.50 3.18
CA LYS A 270 -7.41 -36.77 3.78
C LYS A 270 -8.68 -37.36 3.17
N LYS A 271 -8.85 -37.14 1.86
CA LYS A 271 -10.03 -37.68 1.17
C LYS A 271 -9.99 -39.21 1.13
N ASP A 272 -8.82 -39.78 0.88
CA ASP A 272 -8.70 -41.23 0.82
C ASP A 272 -9.08 -41.88 2.15
N LEU A 273 -8.61 -41.31 3.26
CA LEU A 273 -9.00 -41.82 4.57
C LEU A 273 -10.46 -41.48 4.87
N PHE A 274 -10.93 -40.32 4.40
CA PHE A 274 -12.33 -39.94 4.60
C PHE A 274 -13.28 -40.93 3.92
N GLU A 275 -12.82 -41.58 2.85
CA GLU A 275 -13.67 -42.53 2.15
C GLU A 275 -14.14 -43.65 3.07
N GLU A 276 -13.24 -44.18 3.91
CA GLU A 276 -13.63 -45.17 4.90
C GLU A 276 -14.10 -44.55 6.20
N LYS A 277 -13.69 -43.32 6.50
CA LYS A 277 -14.16 -42.65 7.72
C LYS A 277 -15.67 -42.40 7.66
N ILE A 278 -16.17 -41.98 6.50
CA ILE A 278 -17.59 -41.74 6.35
C ILE A 278 -18.38 -43.03 6.45
N LYS A 279 -17.79 -44.16 6.05
CA LYS A 279 -18.45 -45.45 6.22
C LYS A 279 -18.48 -45.85 7.69
N LYS A 280 -17.34 -45.73 8.37
CA LYS A 280 -17.27 -46.10 9.79
C LYS A 280 -18.04 -45.12 10.66
N SER A 281 -17.84 -43.82 10.44
CA SER A 281 -18.49 -42.80 11.25
C SER A 281 -19.71 -42.27 10.52
N PRO A 282 -20.92 -42.37 11.10
CA PRO A 282 -22.12 -41.91 10.39
C PRO A 282 -22.20 -40.41 10.20
N LEU A 283 -21.36 -39.63 10.89
CA LEU A 283 -21.27 -38.17 10.82
C LEU A 283 -22.50 -37.48 11.42
N THR A 284 -23.51 -38.24 11.83
CA THR A 284 -24.70 -37.63 12.42
C THR A 284 -24.40 -37.01 13.78
N ILE A 285 -23.42 -37.54 14.50
CA ILE A 285 -23.07 -37.00 15.82
C ILE A 285 -22.46 -35.61 15.68
N CYS A 286 -21.66 -35.39 14.64
CA CYS A 286 -21.03 -34.09 14.44
C CYS A 286 -22.06 -33.01 14.16
N TYR A 287 -23.04 -33.31 13.29
CA TYR A 287 -24.10 -32.37 12.94
C TYR A 287 -25.45 -32.95 13.32
N PRO A 288 -26.06 -32.48 14.42
CA PRO A 288 -27.39 -33.00 14.79
C PRO A 288 -28.45 -32.77 13.74
N GLU A 289 -28.34 -31.69 12.97
CA GLU A 289 -29.30 -31.37 11.91
C GLU A 289 -28.67 -31.55 10.53
N TYR A 290 -27.86 -32.60 10.37
CA TYR A 290 -27.23 -32.86 9.08
C TYR A 290 -28.25 -33.16 8.01
N ALA A 291 -29.15 -34.12 8.27
CA ALA A 291 -30.24 -34.48 7.36
C ALA A 291 -29.73 -34.76 5.95
N GLY A 292 -28.87 -35.78 5.85
CA GLY A 292 -28.30 -36.12 4.56
C GLY A 292 -27.88 -37.58 4.53
N SER A 293 -27.55 -38.03 3.33
CA SER A 293 -27.12 -39.41 3.14
C SER A 293 -25.75 -39.64 3.76
N ASN A 294 -25.53 -40.86 4.23
CA ASN A 294 -24.26 -41.23 4.87
C ASN A 294 -23.29 -41.80 3.82
N THR A 295 -23.04 -41.01 2.79
CA THR A 295 -22.12 -41.35 1.73
C THR A 295 -21.04 -40.28 1.60
N TYR A 296 -19.94 -40.63 0.94
CA TYR A 296 -18.82 -39.72 0.82
C TYR A 296 -19.19 -38.46 0.05
N GLU A 297 -19.93 -38.61 -1.06
CA GLU A 297 -20.25 -37.46 -1.90
C GLU A 297 -21.14 -36.47 -1.17
N GLU A 298 -22.20 -36.96 -0.53
CA GLU A 298 -23.11 -36.05 0.18
C GLU A 298 -22.41 -35.38 1.36
N ALA A 299 -21.58 -36.13 2.09
CA ALA A 299 -20.86 -35.55 3.21
C ALA A 299 -19.88 -34.48 2.74
N ALA A 300 -19.17 -34.73 1.65
CA ALA A 300 -18.23 -33.75 1.11
C ALA A 300 -18.97 -32.51 0.63
N ALA A 301 -20.11 -32.69 -0.03
CA ALA A 301 -20.90 -31.55 -0.48
C ALA A 301 -21.40 -30.72 0.70
N TYR A 302 -21.86 -31.40 1.76
CA TYR A 302 -22.34 -30.68 2.94
C TYR A 302 -21.20 -29.92 3.61
N ILE A 303 -20.02 -30.53 3.69
CA ILE A 303 -18.87 -29.85 4.29
C ILE A 303 -18.49 -28.62 3.47
N GLN A 304 -18.47 -28.76 2.14
CA GLN A 304 -18.15 -27.63 1.29
C GLN A 304 -19.17 -26.51 1.43
N CYS A 305 -20.46 -26.87 1.48
CA CYS A 305 -21.50 -25.86 1.64
C CYS A 305 -21.38 -25.15 2.99
N GLN A 306 -21.10 -25.91 4.05
CA GLN A 306 -20.95 -25.30 5.37
C GLN A 306 -19.76 -24.36 5.40
N PHE A 307 -18.65 -24.73 4.74
CA PHE A 307 -17.49 -23.85 4.70
C PHE A 307 -17.76 -22.60 3.87
N GLU A 308 -18.51 -22.74 2.77
CA GLU A 308 -18.85 -21.59 1.95
C GLU A 308 -19.80 -20.65 2.66
N ASP A 309 -20.69 -21.18 3.51
CA ASP A 309 -21.65 -20.33 4.22
C ASP A 309 -20.99 -19.40 5.22
N LEU A 310 -19.73 -19.62 5.57
CA LEU A 310 -19.01 -18.75 6.49
C LEU A 310 -18.39 -17.55 5.81
N ASN A 311 -18.55 -17.41 4.50
CA ASN A 311 -17.93 -16.30 3.78
C ASN A 311 -18.57 -14.97 4.14
N LYS A 312 -19.87 -14.83 3.86
CA LYS A 312 -20.65 -13.61 4.07
C LYS A 312 -20.15 -12.43 3.25
N ARG A 313 -19.13 -12.63 2.41
CA ARG A 313 -18.65 -11.61 1.47
C ARG A 313 -18.37 -12.33 0.14
N LYS A 314 -19.38 -12.37 -0.72
CA LYS A 314 -19.26 -13.06 -1.99
C LYS A 314 -18.80 -12.14 -3.12
N ASP A 315 -19.19 -10.86 -3.08
CA ASP A 315 -18.79 -9.94 -4.12
C ASP A 315 -17.32 -9.54 -4.00
N THR A 316 -16.85 -9.31 -2.77
CA THR A 316 -15.48 -8.87 -2.58
C THR A 316 -14.49 -10.00 -2.84
N LYS A 317 -14.76 -11.19 -2.33
CA LYS A 317 -13.85 -12.32 -2.47
C LYS A 317 -14.63 -13.57 -2.86
N GLU A 318 -13.94 -14.49 -3.51
CA GLU A 318 -14.50 -15.78 -3.91
C GLU A 318 -13.66 -16.90 -3.34
N ILE A 319 -14.30 -17.88 -2.73
CA ILE A 319 -13.63 -19.00 -2.10
C ILE A 319 -13.58 -20.16 -3.09
N TYR A 320 -12.39 -20.66 -3.36
CA TYR A 320 -12.18 -21.78 -4.26
C TYR A 320 -11.97 -23.04 -3.43
N THR A 321 -12.83 -24.04 -3.63
CA THR A 321 -12.79 -25.28 -2.87
C THR A 321 -12.29 -26.40 -3.76
N HIS A 322 -11.30 -27.14 -3.27
CA HIS A 322 -10.73 -28.26 -4.01
C HIS A 322 -10.51 -29.43 -3.06
N PHE A 323 -10.55 -30.64 -3.62
CA PHE A 323 -10.31 -31.87 -2.86
C PHE A 323 -8.93 -32.40 -3.21
N THR A 324 -8.12 -32.65 -2.18
CA THR A 324 -6.76 -33.13 -2.40
C THR A 324 -6.77 -34.51 -3.04
N CYS A 325 -5.96 -34.67 -4.08
CA CYS A 325 -5.85 -35.92 -4.81
C CYS A 325 -4.54 -36.61 -4.48
N SER A 326 -4.41 -37.86 -4.96
CA SER A 326 -3.18 -38.61 -4.73
C SER A 326 -1.98 -37.93 -5.38
N THR A 327 -2.15 -37.45 -6.60
CA THR A 327 -1.08 -36.75 -7.31
C THR A 327 -1.12 -35.25 -7.00
N ASP A 328 0.06 -34.64 -7.02
CA ASP A 328 0.17 -33.21 -6.77
C ASP A 328 -0.07 -32.37 -8.01
N THR A 329 -0.14 -32.99 -9.19
CA THR A 329 -0.38 -32.23 -10.41
C THR A 329 -1.74 -31.55 -10.39
N LYS A 330 -2.78 -32.26 -9.92
CA LYS A 330 -4.11 -31.66 -9.84
C LYS A 330 -4.12 -30.50 -8.85
N ASN A 331 -3.47 -30.67 -7.70
CA ASN A 331 -3.44 -29.60 -6.70
C ASN A 331 -2.71 -28.37 -7.23
N VAL A 332 -1.56 -28.56 -7.87
CA VAL A 332 -0.82 -27.42 -8.39
C VAL A 332 -1.57 -26.76 -9.54
N GLN A 333 -2.28 -27.54 -10.37
CA GLN A 333 -3.08 -26.95 -11.43
C GLN A 333 -4.23 -26.13 -10.86
N PHE A 334 -4.88 -26.63 -9.80
CA PHE A 334 -5.93 -25.85 -9.16
C PHE A 334 -5.38 -24.56 -8.56
N VAL A 335 -4.20 -24.63 -7.93
CA VAL A 335 -3.58 -23.45 -7.37
C VAL A 335 -3.28 -22.44 -8.46
N PHE A 336 -2.73 -22.89 -9.59
CA PHE A 336 -2.43 -21.99 -10.70
C PHE A 336 -3.70 -21.37 -11.27
N ASP A 337 -4.77 -22.17 -11.41
CA ASP A 337 -6.02 -21.63 -11.94
C ASP A 337 -6.61 -20.58 -11.01
N ALA A 338 -6.60 -20.85 -9.70
CA ALA A 338 -7.11 -19.87 -8.74
C ALA A 338 -6.27 -18.60 -8.75
N VAL A 339 -4.95 -18.74 -8.85
CA VAL A 339 -4.08 -17.57 -8.89
C VAL A 339 -4.34 -16.75 -10.14
N THR A 340 -4.52 -17.42 -11.29
CA THR A 340 -4.83 -16.71 -12.53
C THR A 340 -6.17 -15.99 -12.42
N ASP A 341 -7.17 -16.64 -11.83
CA ASP A 341 -8.47 -16.00 -11.66
C ASP A 341 -8.35 -14.77 -10.76
N VAL A 342 -7.57 -14.89 -9.68
CA VAL A 342 -7.37 -13.75 -8.78
C VAL A 342 -6.66 -12.61 -9.51
N ILE A 343 -5.65 -12.94 -10.31
CA ILE A 343 -4.94 -11.91 -11.07
C ILE A 343 -5.87 -11.21 -12.04
N ILE A 344 -6.74 -11.98 -12.71
CA ILE A 344 -7.71 -11.39 -13.62
C ILE A 344 -8.66 -10.47 -12.87
N LYS A 345 -9.13 -10.89 -11.70
CA LYS A 345 -10.03 -10.06 -10.91
C LYS A 345 -9.34 -8.76 -10.49
N ASN A 346 -8.08 -8.84 -10.07
CA ASN A 346 -7.34 -7.65 -9.71
C ASN A 346 -7.14 -6.72 -10.90
N ASN A 347 -6.82 -7.28 -12.06
CA ASN A 347 -6.67 -6.48 -13.27
C ASN A 347 -7.99 -5.81 -13.67
N LEU A 348 -9.12 -6.44 -13.35
CA LEU A 348 -10.41 -5.81 -13.62
C LEU A 348 -10.58 -4.52 -12.82
N LYS A 349 -10.00 -4.45 -11.62
CA LYS A 349 -10.12 -3.28 -10.76
C LYS A 349 -8.83 -2.48 -10.65
N ASP A 350 -7.83 -2.76 -11.49
CA ASP A 350 -6.55 -2.06 -11.38
C ASP A 350 -6.71 -0.57 -11.71
N CYS A 351 -7.55 -0.24 -12.68
CA CYS A 351 -7.73 1.14 -13.08
C CYS A 351 -8.27 1.97 -11.93
N GLY A 352 -7.68 3.15 -11.73
CA GLY A 352 -8.08 4.04 -10.67
C GLY A 352 -9.02 5.14 -11.13
N LEU A 353 -9.59 4.98 -12.31
CA LEU A 353 -10.50 5.98 -12.88
C LEU A 353 -11.84 5.43 -13.34
N PHE A 354 -11.94 4.13 -13.63
CA PHE A 354 -13.20 3.55 -14.10
C PHE A 354 -14.27 3.62 -13.02
N GLU B 18 -5.98 -14.59 47.23
CA GLU B 18 -5.39 -13.42 46.59
C GLU B 18 -4.96 -12.40 47.62
N GLN B 19 -4.24 -12.87 48.65
CA GLN B 19 -3.75 -11.96 49.69
C GLN B 19 -2.76 -10.96 49.12
N LEU B 20 -1.86 -11.41 48.25
CA LEU B 20 -0.88 -10.50 47.65
C LEU B 20 -1.54 -9.52 46.69
N LYS B 21 -2.63 -9.92 46.05
CA LYS B 21 -3.33 -9.02 45.14
C LYS B 21 -3.92 -7.83 45.89
N ASN B 22 -4.43 -8.05 47.09
CA ASN B 22 -4.99 -6.95 47.88
C ASN B 22 -3.89 -6.07 48.46
N GLN B 23 -2.74 -6.64 48.78
CA GLN B 23 -1.66 -5.86 49.37
C GLN B 23 -1.13 -4.81 48.40
N ILE B 24 -0.91 -5.19 47.14
CA ILE B 24 -0.42 -4.23 46.15
C ILE B 24 -1.49 -3.19 45.83
N ARG B 25 -2.76 -3.62 45.77
CA ARG B 25 -3.84 -2.68 45.52
C ARG B 25 -3.98 -1.68 46.67
N ASP B 26 -3.84 -2.13 47.91
CA ASP B 26 -3.91 -1.23 49.05
C ASP B 26 -2.76 -0.23 49.03
N ALA B 27 -1.56 -0.69 48.66
CA ALA B 27 -0.42 0.23 48.60
C ALA B 27 -0.63 1.32 47.56
N ARG B 28 -1.19 0.96 46.41
CA ARG B 28 -1.48 1.97 45.38
C ARG B 28 -2.52 2.97 45.88
N LYS B 29 -3.56 2.48 46.56
CA LYS B 29 -4.56 3.38 47.12
C LYS B 29 -3.98 4.26 48.21
N ALA B 30 -3.12 3.69 49.07
CA ALA B 30 -2.51 4.45 50.14
C ALA B 30 -1.60 5.55 49.58
N CYS B 31 -0.83 5.23 48.54
CA CYS B 31 0.05 6.21 47.93
C CYS B 31 -0.67 7.20 47.03
N ALA B 32 -1.95 6.98 46.76
CA ALA B 32 -2.73 7.89 45.93
C ALA B 32 -3.13 9.11 46.77
N ASP B 33 -2.57 10.26 46.44
CA ASP B 33 -2.85 11.50 47.16
C ASP B 33 -3.55 12.54 46.30
N ALA B 34 -2.99 12.86 45.12
CA ALA B 34 -3.59 13.84 44.24
C ALA B 34 -3.33 13.44 42.79
N THR B 35 -4.36 13.53 41.96
CA THR B 35 -4.23 13.20 40.56
C THR B 35 -3.43 14.27 39.82
N LEU B 36 -2.85 13.87 38.69
CA LEU B 36 -2.06 14.80 37.89
C LEU B 36 -2.91 15.91 37.31
N SER B 37 -4.17 15.61 36.96
CA SER B 37 -5.04 16.62 36.38
C SER B 37 -5.28 17.78 37.34
N GLN B 38 -5.50 17.47 38.63
CA GLN B 38 -5.71 18.52 39.62
C GLN B 38 -4.45 19.36 39.81
N ILE B 39 -3.28 18.73 39.81
CA ILE B 39 -2.03 19.47 40.01
C ILE B 39 -1.74 20.37 38.82
N THR B 40 -2.06 19.92 37.61
CA THR B 40 -1.76 20.67 36.39
C THR B 40 -2.71 21.84 36.16
N ASN B 41 -3.61 22.14 37.11
CA ASN B 41 -4.49 23.29 36.96
C ASN B 41 -3.71 24.60 37.04
N ASN B 42 -2.66 24.64 37.85
CA ASN B 42 -1.89 25.87 37.99
C ASN B 42 -1.06 26.15 36.74
N ILE B 43 -0.50 25.12 36.11
CA ILE B 43 0.33 25.32 34.94
C ILE B 43 -0.53 25.75 33.75
N ASP B 44 0.09 26.47 32.82
CA ASP B 44 -0.63 26.98 31.66
C ASP B 44 -0.70 25.91 30.57
N PRO B 45 -1.90 25.59 30.08
CA PRO B 45 -1.99 24.64 28.96
C PRO B 45 -1.16 25.09 27.76
N VAL B 46 -0.55 24.12 27.10
CA VAL B 46 0.23 24.42 25.89
C VAL B 46 -0.66 24.98 24.79
N GLY B 47 -1.84 24.38 24.60
CA GLY B 47 -2.75 24.81 23.56
C GLY B 47 -2.46 24.15 22.23
N ARG B 48 -3.29 24.50 21.25
CA ARG B 48 -3.15 23.93 19.91
C ARG B 48 -1.88 24.46 19.24
N ILE B 49 -1.14 23.55 18.62
CA ILE B 49 0.08 23.88 17.91
C ILE B 49 0.04 23.25 16.53
N GLN B 50 0.81 23.81 15.61
CA GLN B 50 0.72 23.46 14.20
C GLN B 50 1.78 22.43 13.83
N MET B 51 1.34 21.36 13.18
CA MET B 51 2.20 20.31 12.65
C MET B 51 2.29 20.46 11.15
N ARG B 52 3.52 20.56 10.63
CA ARG B 52 3.76 20.69 9.21
C ARG B 52 4.86 19.73 8.79
N THR B 53 4.67 19.08 7.64
CA THR B 53 5.65 18.14 7.11
C THR B 53 6.78 18.94 6.45
N ARG B 54 7.94 18.96 7.11
CA ARG B 54 9.09 19.65 6.53
C ARG B 54 9.59 18.95 5.28
N ARG B 55 9.59 17.62 5.29
CA ARG B 55 10.07 16.84 4.16
C ARG B 55 9.47 15.45 4.24
N THR B 56 9.44 14.77 3.09
CA THR B 56 8.87 13.44 2.96
C THR B 56 9.90 12.49 2.37
N LEU B 57 10.06 11.33 2.99
CA LEU B 57 10.97 10.31 2.52
C LEU B 57 10.20 9.32 1.65
N ARG B 58 10.66 9.14 0.41
CA ARG B 58 9.97 8.31 -0.56
C ARG B 58 10.91 7.25 -1.11
N GLY B 59 10.34 6.10 -1.45
CA GLY B 59 11.12 5.01 -2.03
C GLY B 59 10.67 3.64 -1.59
N HIS B 60 10.00 3.57 -0.44
CA HIS B 60 9.47 2.30 0.03
C HIS B 60 8.25 1.88 -0.81
N LEU B 61 8.13 0.58 -1.03
CA LEU B 61 7.03 0.01 -1.82
C LEU B 61 6.17 -0.94 -1.01
N ALA B 62 6.24 -0.86 0.32
CA ALA B 62 5.46 -1.74 1.19
C ALA B 62 5.20 -1.03 2.50
N LYS B 63 4.25 -1.58 3.27
CA LYS B 63 3.86 -0.97 4.53
C LYS B 63 5.05 -0.87 5.47
N ILE B 64 5.20 0.31 6.09
CA ILE B 64 6.28 0.56 7.03
C ILE B 64 5.78 0.20 8.43
N TYR B 65 6.50 -0.69 9.11
CA TYR B 65 6.09 -1.16 10.42
C TYR B 65 6.90 -0.62 11.57
N ALA B 66 8.17 -0.24 11.35
CA ALA B 66 8.98 0.26 12.44
C ALA B 66 10.08 1.16 11.89
N MET B 67 10.51 2.11 12.71
CA MET B 67 11.66 2.94 12.42
C MET B 67 12.31 3.35 13.73
N HIS B 68 13.58 3.75 13.64
CA HIS B 68 14.31 4.22 14.81
C HIS B 68 15.17 5.42 14.43
N TRP B 69 15.15 6.44 15.28
CA TRP B 69 15.98 7.62 15.08
C TRP B 69 17.42 7.32 15.48
N GLY B 70 18.33 8.13 14.96
CA GLY B 70 19.74 8.00 15.25
C GLY B 70 20.22 8.97 16.31
N THR B 71 21.33 8.60 16.95
CA THR B 71 21.93 9.48 17.95
C THR B 71 22.52 10.72 17.30
N ASP B 72 22.97 10.62 16.05
CA ASP B 72 23.49 11.78 15.34
C ASP B 72 22.40 12.75 14.92
N SER B 73 21.13 12.38 15.09
CA SER B 73 19.98 13.22 14.79
C SER B 73 19.87 13.56 13.30
N ARG B 74 20.52 12.79 12.45
CA ARG B 74 20.47 13.04 11.01
C ARG B 74 20.12 11.77 10.24
N LEU B 75 20.49 10.62 10.78
CA LEU B 75 20.30 9.33 10.13
C LEU B 75 19.22 8.55 10.87
N LEU B 76 18.25 8.03 10.12
CA LEU B 76 17.21 7.18 10.66
C LEU B 76 17.04 5.95 9.78
N VAL B 77 16.69 4.84 10.41
CA VAL B 77 16.50 3.56 9.73
C VAL B 77 15.04 3.15 9.87
N SER B 78 14.46 2.64 8.78
CA SER B 78 13.07 2.21 8.76
C SER B 78 12.97 0.81 8.18
N ALA B 79 11.94 0.09 8.61
CA ALA B 79 11.68 -1.28 8.17
C ALA B 79 10.37 -1.32 7.40
N SER B 80 10.40 -1.98 6.24
CA SER B 80 9.22 -2.14 5.40
C SER B 80 9.10 -3.59 4.94
N GLN B 81 7.88 -3.97 4.59
CA GLN B 81 7.58 -5.35 4.22
C GLN B 81 8.08 -5.73 2.83
N ASP B 82 8.89 -4.89 2.19
CA ASP B 82 9.48 -5.22 0.89
C ASP B 82 10.82 -5.92 1.03
N GLY B 83 11.27 -6.21 2.24
CA GLY B 83 12.53 -6.87 2.45
C GLY B 83 13.75 -5.96 2.43
N LYS B 84 13.56 -4.65 2.55
CA LYS B 84 14.66 -3.70 2.54
C LYS B 84 14.64 -2.88 3.81
N LEU B 85 15.80 -2.78 4.46
CA LEU B 85 15.99 -1.98 5.67
C LEU B 85 16.98 -0.87 5.33
N ILE B 86 16.44 0.24 4.83
CA ILE B 86 17.27 1.34 4.32
C ILE B 86 17.37 2.42 5.38
N ILE B 87 18.47 3.18 5.33
CA ILE B 87 18.74 4.25 6.26
C ILE B 87 18.59 5.58 5.54
N TRP B 88 17.78 6.47 6.10
CA TRP B 88 17.48 7.77 5.51
C TRP B 88 18.36 8.84 6.13
N ASP B 89 18.89 9.73 5.29
CA ASP B 89 19.58 10.93 5.74
C ASP B 89 18.56 12.05 5.82
N SER B 90 18.16 12.41 7.04
CA SER B 90 17.06 13.35 7.20
C SER B 90 17.44 14.77 6.82
N TYR B 91 18.71 15.15 6.99
CA TYR B 91 19.12 16.52 6.70
C TYR B 91 19.03 16.81 5.20
N THR B 92 19.60 15.95 4.38
CA THR B 92 19.67 16.19 2.94
C THR B 92 18.61 15.43 2.15
N THR B 93 17.74 14.68 2.82
CA THR B 93 16.61 13.98 2.20
C THR B 93 17.10 13.03 1.09
N ASN B 94 17.85 12.03 1.52
CA ASN B 94 18.31 10.99 0.60
C ASN B 94 18.69 9.76 1.40
N LYS B 95 18.81 8.63 0.69
CA LYS B 95 19.18 7.37 1.30
C LYS B 95 20.69 7.19 1.25
N VAL B 96 21.24 6.59 2.31
CA VAL B 96 22.67 6.36 2.39
C VAL B 96 23.02 4.87 2.30
N HIS B 97 22.13 3.98 2.72
CA HIS B 97 22.41 2.55 2.69
C HIS B 97 21.16 1.79 2.27
N ALA B 98 21.36 0.63 1.65
CA ALA B 98 20.29 -0.25 1.22
C ALA B 98 20.61 -1.66 1.72
N ILE B 99 19.84 -2.15 2.68
CA ILE B 99 20.10 -3.45 3.28
C ILE B 99 18.99 -4.42 2.91
N PRO B 100 19.21 -5.33 1.97
CA PRO B 100 18.21 -6.38 1.71
C PRO B 100 18.07 -7.29 2.91
N LEU B 101 16.86 -7.81 3.10
CA LEU B 101 16.54 -8.70 4.20
C LEU B 101 16.21 -10.09 3.66
N ARG B 102 16.75 -11.11 4.35
CA ARG B 102 16.45 -12.49 3.95
C ARG B 102 14.97 -12.80 4.09
N SER B 103 14.35 -12.33 5.16
CA SER B 103 12.92 -12.49 5.39
C SER B 103 12.24 -11.14 5.20
N SER B 104 11.29 -11.08 4.26
CA SER B 104 10.58 -9.84 3.99
C SER B 104 9.62 -9.45 5.11
N TRP B 105 9.31 -10.36 6.03
CA TRP B 105 8.39 -10.10 7.13
C TRP B 105 9.19 -9.53 8.30
N VAL B 106 9.29 -8.21 8.34
CA VAL B 106 9.98 -7.49 9.40
C VAL B 106 8.96 -6.58 10.10
N MET B 107 8.93 -6.65 11.43
CA MET B 107 8.01 -5.86 12.22
C MET B 107 8.69 -4.91 13.19
N THR B 108 10.02 -4.98 13.33
CA THR B 108 10.74 -4.08 14.22
C THR B 108 12.13 -3.85 13.69
N CYS B 109 12.73 -2.75 14.13
CA CYS B 109 14.10 -2.42 13.76
C CYS B 109 14.69 -1.52 14.82
N ALA B 110 16.01 -1.59 14.98
CA ALA B 110 16.72 -0.80 15.97
C ALA B 110 17.98 -0.21 15.35
N TYR B 111 18.40 0.92 15.88
CA TYR B 111 19.61 1.60 15.43
C TYR B 111 20.55 1.74 16.62
N ALA B 112 21.79 1.30 16.45
CA ALA B 112 22.74 1.31 17.55
C ALA B 112 23.06 2.75 17.96
N PRO B 113 23.21 3.02 19.26
CA PRO B 113 23.62 4.37 19.68
C PRO B 113 24.94 4.80 19.11
N SER B 114 25.89 3.88 18.94
CA SER B 114 27.16 4.21 18.32
C SER B 114 27.03 4.46 16.82
N GLY B 115 25.96 3.99 16.21
CA GLY B 115 25.72 4.18 14.79
C GLY B 115 26.41 3.21 13.87
N ASN B 116 27.16 2.24 14.42
CA ASN B 116 27.87 1.26 13.61
C ASN B 116 27.08 -0.05 13.44
N TYR B 117 25.89 -0.14 14.01
CA TYR B 117 25.11 -1.37 13.97
C TYR B 117 23.65 -1.05 13.72
N VAL B 118 22.94 -2.01 13.13
CA VAL B 118 21.50 -1.88 12.91
C VAL B 118 20.89 -3.26 13.07
N ALA B 119 19.67 -3.29 13.62
CA ALA B 119 18.97 -4.54 13.89
C ALA B 119 17.59 -4.52 13.26
N CYS B 120 17.05 -5.70 13.01
CA CYS B 120 15.69 -5.84 12.49
C CYS B 120 15.17 -7.22 12.86
N GLY B 121 13.93 -7.27 13.32
CA GLY B 121 13.30 -8.54 13.68
C GLY B 121 12.23 -8.94 12.69
N GLY B 122 11.07 -9.35 13.19
CA GLY B 122 9.95 -9.67 12.34
C GLY B 122 9.41 -11.05 12.66
N LEU B 123 8.77 -11.66 11.67
CA LEU B 123 8.14 -12.96 11.79
C LEU B 123 9.11 -14.12 11.59
N ASP B 124 10.36 -13.85 11.29
CA ASP B 124 11.35 -14.89 11.06
C ASP B 124 11.92 -15.48 12.35
N ASN B 125 11.54 -14.93 13.50
CA ASN B 125 11.96 -15.41 14.82
C ASN B 125 13.46 -15.29 15.03
N ILE B 126 14.15 -14.49 14.22
CA ILE B 126 15.58 -14.26 14.36
C ILE B 126 15.84 -12.77 14.20
N CYS B 127 16.75 -12.24 15.01
CA CYS B 127 17.14 -10.83 14.95
C CYS B 127 18.48 -10.72 14.24
N SER B 128 18.51 -9.98 13.15
CA SER B 128 19.70 -9.84 12.33
C SER B 128 20.44 -8.55 12.68
N ILE B 129 21.77 -8.60 12.62
CA ILE B 129 22.64 -7.46 12.89
C ILE B 129 23.48 -7.22 11.66
N TYR B 130 23.55 -5.96 11.22
CA TYR B 130 24.27 -5.59 10.01
C TYR B 130 25.32 -4.53 10.33
N ASN B 131 26.46 -4.62 9.64
CA ASN B 131 27.53 -3.63 9.79
C ASN B 131 27.23 -2.42 8.92
N LEU B 132 27.15 -1.25 9.54
CA LEU B 132 26.83 -0.01 8.82
C LEU B 132 28.12 0.61 8.26
N LYS B 133 28.66 -0.05 7.25
CA LYS B 133 29.84 0.41 6.52
C LYS B 133 31.01 0.66 7.47
N THR B 134 31.21 -0.26 8.42
CA THR B 134 32.34 -0.13 9.33
C THR B 134 33.67 -0.24 8.59
N ARG B 135 33.77 -1.18 7.65
CA ARG B 135 34.97 -1.36 6.85
C ARG B 135 34.59 -1.70 5.42
N GLU B 136 35.51 -1.41 4.50
CA GLU B 136 35.40 -1.69 3.07
C GLU B 136 34.28 -0.92 2.38
N GLY B 137 33.58 -0.05 3.10
CA GLY B 137 32.50 0.72 2.48
C GLY B 137 31.35 -0.12 1.97
N ASN B 138 30.93 -1.11 2.75
CA ASN B 138 29.84 -1.99 2.34
C ASN B 138 29.10 -2.48 3.57
N VAL B 139 27.88 -2.96 3.35
CA VAL B 139 27.03 -3.47 4.42
C VAL B 139 26.96 -4.99 4.31
N ARG B 140 27.06 -5.65 5.46
CA ARG B 140 27.01 -7.11 5.51
C ARG B 140 26.43 -7.53 6.85
N VAL B 141 25.93 -8.77 6.88
CA VAL B 141 25.32 -9.31 8.09
C VAL B 141 26.40 -9.58 9.12
N SER B 142 26.18 -9.11 10.35
CA SER B 142 27.14 -9.30 11.44
C SER B 142 26.77 -10.49 12.31
N ARG B 143 25.57 -10.49 12.87
CA ARG B 143 25.10 -11.59 13.72
C ARG B 143 23.62 -11.78 13.52
N GLU B 144 23.19 -13.04 13.60
CA GLU B 144 21.77 -13.41 13.52
C GLU B 144 21.39 -14.05 14.85
N LEU B 145 20.66 -13.31 15.68
CA LEU B 145 20.28 -13.77 17.01
C LEU B 145 19.14 -14.76 16.88
N ALA B 146 19.44 -16.04 17.04
CA ALA B 146 18.45 -17.12 16.96
C ALA B 146 18.26 -17.75 18.33
N GLY B 147 17.02 -18.14 18.62
CA GLY B 147 16.70 -18.70 19.91
C GLY B 147 15.33 -18.29 20.41
N HIS B 148 14.64 -17.45 19.64
CA HIS B 148 13.29 -17.01 19.95
C HIS B 148 12.29 -17.88 19.21
N THR B 149 11.30 -18.40 19.93
CA THR B 149 10.26 -19.22 19.35
C THR B 149 9.05 -18.41 18.88
N GLY B 150 9.11 -17.09 18.99
CA GLY B 150 8.03 -16.24 18.51
C GLY B 150 8.58 -15.09 17.67
N TYR B 151 7.68 -14.40 17.00
CA TYR B 151 8.06 -13.29 16.15
C TYR B 151 8.62 -12.14 16.98
N LEU B 152 9.70 -11.54 16.50
CA LEU B 152 10.35 -10.42 17.20
C LEU B 152 9.46 -9.19 17.08
N SER B 153 8.72 -8.90 18.15
CA SER B 153 7.83 -7.74 18.13
C SER B 153 8.61 -6.44 18.26
N CYS B 154 9.69 -6.44 19.04
CA CYS B 154 10.50 -5.25 19.22
C CYS B 154 11.94 -5.65 19.52
N CYS B 155 12.85 -4.71 19.27
CA CYS B 155 14.27 -4.91 19.57
C CYS B 155 14.91 -3.54 19.75
N ARG B 156 15.80 -3.44 20.74
CA ARG B 156 16.48 -2.19 21.03
C ARG B 156 17.91 -2.49 21.45
N PHE B 157 18.84 -1.65 20.98
CA PHE B 157 20.26 -1.83 21.28
C PHE B 157 20.55 -1.27 22.66
N LEU B 158 20.81 -2.15 23.63
CA LEU B 158 21.24 -1.71 24.95
C LEU B 158 22.58 -0.99 24.88
N ASP B 159 23.57 -1.64 24.28
CA ASP B 159 24.91 -1.06 24.10
C ASP B 159 25.40 -1.32 22.68
N ASP B 160 26.68 -1.05 22.43
CA ASP B 160 27.26 -1.40 21.14
C ASP B 160 27.43 -2.91 20.99
N ASN B 161 27.39 -3.66 22.09
CA ASN B 161 27.55 -5.10 22.06
C ASN B 161 26.37 -5.87 22.64
N GLN B 162 25.50 -5.23 23.39
CA GLN B 162 24.35 -5.88 24.02
C GLN B 162 23.07 -5.32 23.44
N ILE B 163 22.14 -6.21 23.11
CA ILE B 163 20.85 -5.83 22.53
C ILE B 163 19.75 -6.62 23.25
N VAL B 164 18.67 -5.93 23.61
CA VAL B 164 17.52 -6.55 24.26
C VAL B 164 16.36 -6.56 23.26
N THR B 165 15.72 -7.73 23.10
CA THR B 165 14.65 -7.91 22.14
C THR B 165 13.45 -8.56 22.82
N SER B 166 12.27 -8.26 22.29
CA SER B 166 11.03 -8.88 22.73
C SER B 166 10.46 -9.70 21.58
N SER B 167 10.00 -10.90 21.87
CA SER B 167 9.48 -11.82 20.87
C SER B 167 8.01 -12.11 21.13
N GLY B 168 7.41 -12.88 20.22
CA GLY B 168 6.01 -13.26 20.31
C GLY B 168 5.72 -14.43 21.20
N ASP B 169 6.75 -15.02 21.82
CA ASP B 169 6.59 -16.19 22.68
C ASP B 169 6.49 -15.82 24.16
N THR B 170 5.94 -14.64 24.46
CA THR B 170 5.66 -14.14 25.81
C THR B 170 6.94 -13.85 26.59
N THR B 171 8.11 -14.15 26.03
CA THR B 171 9.38 -13.99 26.74
C THR B 171 10.24 -12.95 26.06
N CYS B 172 10.94 -12.15 26.87
CA CYS B 172 11.90 -11.17 26.38
C CYS B 172 13.31 -11.66 26.72
N ALA B 173 14.24 -11.41 25.80
CA ALA B 173 15.61 -11.90 25.95
C ALA B 173 16.59 -10.78 25.66
N LEU B 174 17.72 -10.82 26.37
CA LEU B 174 18.84 -9.91 26.15
C LEU B 174 19.96 -10.68 25.46
N TRP B 175 20.47 -10.13 24.37
CA TRP B 175 21.44 -10.82 23.53
C TRP B 175 22.77 -10.06 23.51
N ASP B 176 23.85 -10.82 23.36
CA ASP B 176 25.19 -10.27 23.20
C ASP B 176 25.68 -10.58 21.81
N ILE B 177 26.13 -9.55 21.09
CA ILE B 177 26.55 -9.73 19.69
C ILE B 177 27.76 -10.64 19.60
N GLU B 178 28.73 -10.46 20.49
CA GLU B 178 29.96 -11.25 20.43
C GLU B 178 29.69 -12.73 20.67
N THR B 179 28.97 -13.04 21.75
CA THR B 179 28.70 -14.44 22.05
C THR B 179 27.60 -15.02 21.17
N GLY B 180 26.59 -14.21 20.83
CA GLY B 180 25.49 -14.66 20.02
C GLY B 180 24.41 -15.41 20.78
N GLN B 181 24.51 -15.51 22.09
CA GLN B 181 23.55 -16.22 22.92
C GLN B 181 22.78 -15.24 23.79
N GLN B 182 21.86 -15.77 24.60
CA GLN B 182 21.02 -14.97 25.48
C GLN B 182 21.74 -14.82 26.82
N THR B 183 22.15 -13.59 27.14
CA THR B 183 22.73 -13.33 28.45
C THR B 183 21.71 -13.55 29.56
N THR B 184 20.48 -13.08 29.36
CA THR B 184 19.40 -13.30 30.30
C THR B 184 18.08 -13.32 29.54
N THR B 185 17.07 -13.95 30.15
CA THR B 185 15.76 -14.08 29.55
C THR B 185 14.70 -13.72 30.57
N PHE B 186 13.71 -12.93 30.14
CA PHE B 186 12.64 -12.45 30.99
C PHE B 186 11.35 -13.16 30.60
N THR B 187 10.91 -14.11 31.43
CA THR B 187 9.73 -14.92 31.15
C THR B 187 8.58 -14.62 32.09
N GLY B 188 8.61 -13.47 32.77
CA GLY B 188 7.56 -13.14 33.72
C GLY B 188 6.28 -12.60 33.11
N HIS B 189 6.25 -12.37 31.80
CA HIS B 189 5.06 -11.86 31.15
C HIS B 189 4.00 -12.96 31.03
N THR B 190 2.76 -12.52 30.80
CA THR B 190 1.64 -13.42 30.59
C THR B 190 1.11 -13.37 29.17
N GLY B 191 0.91 -12.17 28.62
CA GLY B 191 0.45 -12.03 27.25
C GLY B 191 1.60 -11.86 26.28
N ASP B 192 1.23 -11.75 25.00
CA ASP B 192 2.21 -11.63 23.93
C ASP B 192 2.84 -10.23 23.95
N VAL B 193 4.16 -10.18 24.16
CA VAL B 193 4.85 -8.90 24.22
C VAL B 193 4.86 -8.25 22.84
N MET B 194 4.56 -6.96 22.79
CA MET B 194 4.45 -6.24 21.53
C MET B 194 5.53 -5.19 21.32
N SER B 195 6.00 -4.53 22.38
CA SER B 195 7.02 -3.50 22.23
C SER B 195 7.73 -3.30 23.56
N LEU B 196 8.94 -2.74 23.48
CA LEU B 196 9.73 -2.42 24.66
C LEU B 196 10.42 -1.07 24.43
N SER B 197 10.83 -0.46 25.53
CA SER B 197 11.54 0.81 25.49
C SER B 197 12.74 0.75 26.42
N LEU B 198 13.74 1.57 26.12
CA LEU B 198 14.99 1.63 26.89
C LEU B 198 15.02 2.91 27.71
N ALA B 199 15.32 2.77 29.00
CA ALA B 199 15.46 3.94 29.85
C ALA B 199 16.73 4.70 29.50
N PRO B 200 16.75 6.02 29.71
CA PRO B 200 17.95 6.80 29.37
C PRO B 200 19.20 6.38 30.10
N ASP B 201 19.07 5.88 31.34
CA ASP B 201 20.24 5.48 32.13
C ASP B 201 20.87 4.19 31.62
N THR B 202 20.24 3.50 30.67
CA THR B 202 20.73 2.23 30.13
C THR B 202 20.93 1.21 31.25
N ARG B 203 19.95 1.12 32.14
CA ARG B 203 19.95 0.13 33.20
C ARG B 203 18.61 -0.56 33.41
N LEU B 204 17.53 -0.04 32.84
CA LEU B 204 16.21 -0.64 32.97
C LEU B 204 15.49 -0.57 31.63
N PHE B 205 14.51 -1.46 31.45
CA PHE B 205 13.68 -1.41 30.27
C PHE B 205 12.31 -1.97 30.62
N VAL B 206 11.28 -1.42 29.98
CA VAL B 206 9.90 -1.81 30.21
C VAL B 206 9.30 -2.31 28.90
N SER B 207 8.46 -3.33 28.99
CA SER B 207 7.84 -3.94 27.83
C SER B 207 6.35 -4.13 28.08
N GLY B 208 5.55 -3.86 27.05
CA GLY B 208 4.11 -4.07 27.10
C GLY B 208 3.74 -5.35 26.36
N ALA B 209 2.75 -6.05 26.90
CA ALA B 209 2.32 -7.32 26.36
C ALA B 209 0.87 -7.25 25.91
N CYS B 210 0.40 -8.33 25.29
CA CYS B 210 -0.97 -8.42 24.80
C CYS B 210 -1.99 -8.54 25.94
N ASP B 211 -1.54 -8.79 27.16
CA ASP B 211 -2.43 -8.82 28.30
C ASP B 211 -2.68 -7.40 28.80
N ALA B 212 -3.30 -7.27 29.96
CA ALA B 212 -3.60 -5.96 30.53
C ALA B 212 -2.49 -5.43 31.43
N SER B 213 -1.37 -6.13 31.52
CA SER B 213 -0.29 -5.76 32.44
C SER B 213 0.97 -5.42 31.66
N ALA B 214 1.55 -4.27 31.97
CA ALA B 214 2.86 -3.88 31.48
C ALA B 214 3.81 -3.80 32.66
N LYS B 215 4.93 -4.52 32.58
CA LYS B 215 5.82 -4.71 33.71
C LYS B 215 7.23 -4.23 33.40
N LEU B 216 7.85 -3.58 34.37
CA LEU B 216 9.23 -3.12 34.25
C LEU B 216 10.20 -4.27 34.49
N TRP B 217 11.33 -4.22 33.80
CA TRP B 217 12.35 -5.25 33.88
C TRP B 217 13.70 -4.63 34.26
N ASP B 218 14.52 -5.43 34.93
CA ASP B 218 15.86 -5.03 35.33
C ASP B 218 16.87 -5.77 34.47
N VAL B 219 17.81 -5.02 33.87
CA VAL B 219 18.82 -5.64 33.02
C VAL B 219 19.76 -6.51 33.85
N ARG B 220 20.27 -5.98 34.96
CA ARG B 220 21.22 -6.73 35.76
C ARG B 220 20.53 -7.85 36.54
N GLU B 221 19.39 -7.55 37.16
CA GLU B 221 18.71 -8.55 37.97
C GLU B 221 18.02 -9.59 37.11
N GLY B 222 17.42 -9.18 35.99
CA GLY B 222 16.70 -10.10 35.15
C GLY B 222 15.35 -10.54 35.71
N MET B 223 14.78 -9.76 36.62
CA MET B 223 13.51 -10.11 37.26
C MET B 223 12.56 -8.93 37.16
N CYS B 224 11.27 -9.25 37.27
CA CYS B 224 10.20 -8.25 37.21
C CYS B 224 10.17 -7.45 38.50
N ARG B 225 10.69 -6.22 38.46
CA ARG B 225 10.68 -5.37 39.64
C ARG B 225 9.26 -4.88 39.95
N GLN B 226 8.55 -4.40 38.93
CA GLN B 226 7.22 -3.84 39.11
C GLN B 226 6.33 -4.25 37.95
N THR B 227 5.03 -4.27 38.21
CA THR B 227 4.02 -4.59 37.19
C THR B 227 2.92 -3.53 37.25
N PHE B 228 2.54 -3.02 36.08
CA PHE B 228 1.53 -1.97 35.98
C PHE B 228 0.34 -2.48 35.19
N THR B 229 -0.85 -2.22 35.71
CA THR B 229 -2.10 -2.64 35.08
C THR B 229 -3.01 -1.42 34.88
N GLY B 230 -4.13 -1.65 34.22
CA GLY B 230 -5.11 -0.60 34.01
C GLY B 230 -5.70 -0.59 32.62
N HIS B 231 -4.94 -1.03 31.62
CA HIS B 231 -5.44 -1.06 30.26
C HIS B 231 -6.49 -2.15 30.08
N GLU B 232 -7.46 -1.88 29.22
CA GLU B 232 -8.55 -2.79 28.94
C GLU B 232 -8.32 -3.65 27.70
N SER B 233 -7.17 -3.53 27.06
CA SER B 233 -6.89 -4.29 25.84
C SER B 233 -5.38 -4.50 25.73
N ASP B 234 -4.98 -5.11 24.62
CA ASP B 234 -3.56 -5.40 24.39
C ASP B 234 -2.78 -4.11 24.18
N ILE B 235 -1.58 -4.07 24.74
CA ILE B 235 -0.69 -2.91 24.61
C ILE B 235 0.20 -3.11 23.40
N ASN B 236 0.21 -2.13 22.50
CA ASN B 236 0.97 -2.22 21.26
C ASN B 236 2.25 -1.40 21.26
N ALA B 237 2.28 -0.30 22.00
CA ALA B 237 3.43 0.59 22.02
C ALA B 237 3.75 1.00 23.45
N ILE B 238 5.02 1.31 23.70
CA ILE B 238 5.46 1.74 25.01
C ILE B 238 6.74 2.56 24.82
N CYS B 239 6.92 3.55 25.68
CA CYS B 239 8.08 4.43 25.56
C CYS B 239 8.36 5.08 26.91
N PHE B 240 9.62 5.05 27.32
CA PHE B 240 10.02 5.71 28.56
C PHE B 240 9.93 7.22 28.43
N PHE B 241 9.61 7.86 29.54
CA PHE B 241 9.62 9.31 29.62
C PHE B 241 11.06 9.80 29.69
N PRO B 242 11.36 10.98 29.13
CA PRO B 242 12.76 11.45 29.11
C PRO B 242 13.46 11.45 30.45
N ASN B 243 12.74 11.71 31.55
CA ASN B 243 13.34 11.63 32.88
C ASN B 243 13.82 10.22 33.18
N GLY B 244 13.05 9.21 32.77
CA GLY B 244 13.38 7.83 32.99
C GLY B 244 12.69 7.17 34.17
N ASN B 245 11.88 7.92 34.92
CA ASN B 245 11.11 7.37 36.02
C ASN B 245 9.64 7.16 35.66
N ALA B 246 9.28 7.30 34.39
CA ALA B 246 7.91 7.14 33.95
C ALA B 246 7.89 6.70 32.50
N PHE B 247 6.74 6.21 32.05
CA PHE B 247 6.58 5.74 30.69
C PHE B 247 5.09 5.76 30.32
N ALA B 248 4.83 5.76 29.03
CA ALA B 248 3.48 5.78 28.49
C ALA B 248 3.23 4.53 27.67
N THR B 249 2.01 3.99 27.76
CA THR B 249 1.63 2.75 27.10
C THR B 249 0.52 3.03 26.08
N GLY B 250 0.67 2.49 24.89
CA GLY B 250 -0.35 2.61 23.86
C GLY B 250 -1.03 1.30 23.55
N SER B 251 -2.33 1.22 23.82
CA SER B 251 -3.10 -0.01 23.67
C SER B 251 -4.14 0.16 22.55
N ASP B 252 -4.93 -0.89 22.33
CA ASP B 252 -5.99 -0.86 21.33
C ASP B 252 -7.32 -0.38 21.88
N ASP B 253 -7.39 -0.03 23.17
CA ASP B 253 -8.63 0.43 23.78
C ASP B 253 -8.83 1.93 23.66
N ALA B 254 -8.16 2.56 22.69
CA ALA B 254 -8.27 4.00 22.45
C ALA B 254 -7.91 4.81 23.70
N THR B 255 -6.88 4.34 24.42
CA THR B 255 -6.46 4.99 25.65
C THR B 255 -4.95 4.88 25.79
N CYS B 256 -4.30 6.02 26.01
CA CYS B 256 -2.88 6.07 26.32
C CYS B 256 -2.74 6.37 27.81
N ARG B 257 -2.06 5.48 28.53
CA ARG B 257 -1.91 5.61 29.97
C ARG B 257 -0.44 5.83 30.30
N LEU B 258 -0.17 6.84 31.12
CA LEU B 258 1.18 7.14 31.59
C LEU B 258 1.38 6.48 32.95
N PHE B 259 2.44 5.70 33.07
CA PHE B 259 2.75 4.98 34.31
C PHE B 259 4.05 5.50 34.89
N ASP B 260 4.07 5.70 36.20
CA ASP B 260 5.25 6.19 36.90
C ASP B 260 5.91 5.04 37.64
N LEU B 261 7.23 4.93 37.51
CA LEU B 261 7.97 3.86 38.17
C LEU B 261 7.99 3.99 39.67
N ARG B 262 7.64 5.16 40.21
CA ARG B 262 7.60 5.39 41.64
C ARG B 262 6.19 5.29 42.21
N ALA B 263 5.22 5.94 41.55
CA ALA B 263 3.84 5.88 42.01
C ALA B 263 3.21 4.51 41.79
N ASP B 264 3.70 3.75 40.81
CA ASP B 264 3.18 2.43 40.48
C ASP B 264 1.69 2.48 40.17
N GLN B 265 1.28 3.52 39.44
CA GLN B 265 -0.12 3.69 39.07
C GLN B 265 -0.20 4.56 37.83
N GLU B 266 -1.36 4.52 37.18
CA GLU B 266 -1.62 5.32 35.99
C GLU B 266 -2.02 6.73 36.43
N LEU B 267 -1.00 7.56 36.67
CA LEU B 267 -1.25 8.91 37.16
C LEU B 267 -1.91 9.80 36.12
N MET B 268 -1.82 9.45 34.84
CA MET B 268 -2.42 10.24 33.77
C MET B 268 -2.93 9.33 32.67
N THR B 269 -4.18 9.54 32.26
CA THR B 269 -4.79 8.80 31.17
C THR B 269 -5.14 9.75 30.03
N TYR B 270 -4.92 9.30 28.80
CA TYR B 270 -5.14 10.10 27.60
C TYR B 270 -6.10 9.33 26.69
N SER B 271 -7.40 9.55 26.89
CA SER B 271 -8.43 8.90 26.09
C SER B 271 -9.46 9.94 25.68
N HIS B 272 -9.72 10.04 24.39
CA HIS B 272 -10.69 10.98 23.84
C HIS B 272 -11.80 10.21 23.14
N ASP B 273 -13.04 10.66 23.34
CA ASP B 273 -14.18 9.94 22.77
C ASP B 273 -14.17 9.96 21.25
N ASN B 274 -13.74 11.07 20.65
CA ASN B 274 -13.74 11.19 19.20
C ASN B 274 -12.91 10.08 18.56
N ILE B 275 -11.71 9.84 19.10
CA ILE B 275 -10.80 8.84 18.59
C ILE B 275 -11.04 7.54 19.37
N ILE B 276 -11.78 6.62 18.76
CA ILE B 276 -12.05 5.31 19.34
C ILE B 276 -11.09 4.24 18.84
N CYS B 277 -10.19 4.58 17.93
CA CYS B 277 -9.26 3.62 17.38
C CYS B 277 -8.09 3.39 18.33
N GLY B 278 -7.38 2.29 18.11
CA GLY B 278 -6.27 1.92 18.96
C GLY B 278 -5.02 2.72 18.66
N ILE B 279 -3.96 2.42 19.43
CA ILE B 279 -2.68 3.11 19.33
C ILE B 279 -1.63 2.10 18.88
N THR B 280 -0.86 2.47 17.86
CA THR B 280 0.19 1.61 17.32
C THR B 280 1.59 2.03 17.75
N SER B 281 1.87 3.33 17.83
CA SER B 281 3.18 3.82 18.20
C SER B 281 3.05 4.95 19.21
N VAL B 282 3.94 4.96 20.19
CA VAL B 282 3.99 6.00 21.22
C VAL B 282 5.44 6.48 21.35
N SER B 283 5.63 7.79 21.33
CA SER B 283 6.95 8.36 21.49
C SER B 283 6.84 9.67 22.27
N PHE B 284 7.93 10.04 22.93
CA PHE B 284 8.00 11.25 23.74
C PHE B 284 8.96 12.24 23.10
N SER B 285 8.70 13.53 23.33
CA SER B 285 9.58 14.57 22.86
C SER B 285 10.83 14.63 23.74
N LYS B 286 11.72 15.58 23.42
CA LYS B 286 12.96 15.71 24.19
C LYS B 286 12.67 16.10 25.64
N SER B 287 11.79 17.07 25.85
CA SER B 287 11.44 17.48 27.20
C SER B 287 10.41 16.57 27.85
N GLY B 288 9.60 15.87 27.05
CA GLY B 288 8.57 15.00 27.58
C GLY B 288 7.24 15.66 27.84
N ARG B 289 7.17 16.99 27.75
CA ARG B 289 5.88 17.67 27.92
C ARG B 289 4.91 17.30 26.82
N LEU B 290 5.39 17.22 25.58
CA LEU B 290 4.58 16.87 24.44
C LEU B 290 4.74 15.38 24.15
N LEU B 291 3.63 14.64 24.17
CA LEU B 291 3.63 13.21 23.88
C LEU B 291 2.93 12.96 22.57
N LEU B 292 3.59 12.25 21.66
CA LEU B 292 3.04 11.92 20.36
C LEU B 292 2.68 10.44 20.32
N ALA B 293 1.44 10.14 19.93
CA ALA B 293 0.97 8.78 19.80
C ALA B 293 0.48 8.56 18.37
N GLY B 294 1.02 7.52 17.72
CA GLY B 294 0.64 7.22 16.35
C GLY B 294 -0.55 6.28 16.27
N TYR B 295 -1.73 6.85 16.04
CA TYR B 295 -2.94 6.07 15.96
C TYR B 295 -3.08 5.42 14.59
N ASP B 296 -4.02 4.47 14.48
CA ASP B 296 -4.27 3.76 13.23
C ASP B 296 -5.51 4.25 12.50
N ASP B 297 -5.93 5.49 12.75
CA ASP B 297 -7.02 6.12 12.01
C ASP B 297 -6.48 7.04 10.92
N PHE B 298 -5.36 6.66 10.31
CA PHE B 298 -4.65 7.42 9.28
C PHE B 298 -4.06 8.71 9.81
N ASN B 299 -4.08 8.92 11.12
CA ASN B 299 -3.56 10.14 11.75
C ASN B 299 -2.65 9.76 12.90
N CYS B 300 -2.08 10.77 13.56
CA CYS B 300 -1.21 10.59 14.71
C CYS B 300 -1.50 11.72 15.70
N ASN B 301 -2.38 11.45 16.65
CA ASN B 301 -2.76 12.47 17.62
C ASN B 301 -1.58 12.84 18.51
N VAL B 302 -1.47 14.13 18.81
CA VAL B 302 -0.42 14.67 19.66
C VAL B 302 -1.06 15.10 20.98
N TRP B 303 -0.58 14.54 22.08
CA TRP B 303 -1.14 14.78 23.40
C TRP B 303 -0.17 15.61 24.25
N ASP B 304 -0.65 16.00 25.42
CA ASP B 304 0.15 16.69 26.42
C ASP B 304 0.30 15.77 27.64
N ALA B 305 1.55 15.55 28.06
CA ALA B 305 1.80 14.65 29.17
C ALA B 305 1.18 15.16 30.47
N LEU B 306 1.26 16.47 30.70
CA LEU B 306 0.78 17.06 31.95
C LEU B 306 -0.70 17.38 31.89
N LYS B 307 -1.12 18.19 30.92
CA LYS B 307 -2.52 18.60 30.82
C LYS B 307 -3.44 17.45 30.44
N ALA B 308 -2.89 16.35 29.92
CA ALA B 308 -3.68 15.18 29.52
C ALA B 308 -4.77 15.54 28.52
N ASP B 309 -4.44 16.41 27.57
CA ASP B 309 -5.38 16.84 26.55
C ASP B 309 -4.66 16.95 25.21
N ARG B 310 -5.45 17.03 24.15
CA ARG B 310 -4.88 17.16 22.81
C ARG B 310 -4.15 18.48 22.66
N ALA B 311 -2.95 18.42 22.06
CA ALA B 311 -2.17 19.61 21.79
C ALA B 311 -1.89 19.86 20.32
N GLY B 312 -2.08 18.86 19.46
CA GLY B 312 -1.85 19.04 18.04
C GLY B 312 -2.46 17.91 17.25
N VAL B 313 -2.67 18.17 15.96
CA VAL B 313 -3.27 17.21 15.05
C VAL B 313 -2.29 16.94 13.92
N LEU B 314 -2.02 15.66 13.67
CA LEU B 314 -1.11 15.24 12.61
C LEU B 314 -1.89 14.31 11.69
N ALA B 315 -2.37 14.85 10.56
CA ALA B 315 -3.21 14.12 9.63
C ALA B 315 -2.60 14.12 8.23
N GLY B 316 -1.28 13.92 8.16
CA GLY B 316 -0.56 13.91 6.90
C GLY B 316 -0.31 12.54 6.30
N HIS B 317 -0.96 11.50 6.81
CA HIS B 317 -0.76 10.14 6.32
C HIS B 317 -2.05 9.59 5.75
N ASP B 318 -1.91 8.78 4.70
CA ASP B 318 -3.06 8.17 4.05
C ASP B 318 -3.49 6.87 4.72
N ASN B 319 -2.53 6.02 5.09
CA ASN B 319 -2.81 4.76 5.75
C ASN B 319 -2.57 4.88 7.25
N ARG B 320 -2.84 3.80 7.98
CA ARG B 320 -2.68 3.80 9.42
C ARG B 320 -1.21 3.97 9.80
N VAL B 321 -0.98 4.78 10.83
CA VAL B 321 0.38 5.03 11.31
C VAL B 321 0.82 3.84 12.17
N SER B 322 1.92 3.22 11.79
CA SER B 322 2.43 2.04 12.49
C SER B 322 3.62 2.35 13.38
N CYS B 323 4.48 3.27 12.97
CA CYS B 323 5.67 3.62 13.73
C CYS B 323 5.78 5.13 13.85
N LEU B 324 6.38 5.57 14.96
CA LEU B 324 6.53 6.99 15.24
C LEU B 324 7.79 7.20 16.06
N GLY B 325 8.65 8.10 15.61
CA GLY B 325 9.91 8.35 16.27
C GLY B 325 10.15 9.84 16.47
N VAL B 326 10.78 10.17 17.59
CA VAL B 326 11.13 11.53 17.95
C VAL B 326 12.64 11.61 18.08
N THR B 327 13.24 12.64 17.48
CA THR B 327 14.68 12.79 17.51
C THR B 327 15.17 13.01 18.93
N ASP B 328 16.41 12.60 19.20
CA ASP B 328 16.95 12.66 20.56
C ASP B 328 17.00 14.08 21.08
N ASP B 329 17.43 15.03 20.23
CA ASP B 329 17.46 16.43 20.61
C ASP B 329 16.14 17.14 20.31
N GLY B 330 15.14 16.43 19.80
CA GLY B 330 13.87 17.04 19.48
C GLY B 330 13.86 17.88 18.23
N MET B 331 14.88 17.76 17.37
CA MET B 331 14.94 18.59 16.18
C MET B 331 13.77 18.34 15.26
N ALA B 332 13.37 17.09 15.08
CA ALA B 332 12.28 16.76 14.18
C ALA B 332 11.59 15.48 14.66
N VAL B 333 10.37 15.27 14.18
CA VAL B 333 9.59 14.08 14.48
C VAL B 333 9.29 13.37 13.17
N ALA B 334 9.62 12.08 13.11
CA ALA B 334 9.41 11.27 11.92
C ALA B 334 8.28 10.28 12.19
N THR B 335 7.29 10.27 11.29
CA THR B 335 6.13 9.40 11.42
C THR B 335 6.05 8.50 10.21
N GLY B 336 5.92 7.19 10.44
CA GLY B 336 5.78 6.21 9.39
C GLY B 336 4.40 5.58 9.43
N SER B 337 3.94 5.11 8.27
CA SER B 337 2.62 4.52 8.15
C SER B 337 2.65 3.45 7.08
N TRP B 338 1.52 2.77 6.90
CA TRP B 338 1.43 1.66 5.97
C TRP B 338 1.42 2.09 4.50
N ASP B 339 1.33 3.39 4.23
CA ASP B 339 1.33 3.88 2.85
C ASP B 339 2.73 3.91 2.23
N SER B 340 3.71 3.27 2.87
CA SER B 340 5.09 3.21 2.36
C SER B 340 5.71 4.59 2.22
N PHE B 341 5.33 5.51 3.12
CA PHE B 341 5.82 6.88 3.07
C PHE B 341 6.22 7.34 4.45
N LEU B 342 7.38 8.00 4.53
CA LEU B 342 7.89 8.57 5.77
C LEU B 342 7.92 10.09 5.64
N LYS B 343 7.34 10.78 6.62
CA LYS B 343 7.29 12.24 6.61
C LYS B 343 7.94 12.77 7.88
N ILE B 344 8.82 13.75 7.72
CA ILE B 344 9.53 14.37 8.83
C ILE B 344 8.80 15.65 9.20
N TRP B 345 8.46 15.79 10.49
CA TRP B 345 7.69 16.90 10.99
C TRP B 345 8.57 17.79 11.85
N ASN B 346 8.46 19.11 11.65
CA ASN B 346 9.25 20.11 12.37
C ASN B 346 10.75 19.93 12.14
N ILE C 9 0.50 -26.60 42.07
CA ILE C 9 1.01 -26.24 40.75
C ILE C 9 2.36 -25.56 40.87
N ALA C 10 3.33 -26.03 40.08
CA ALA C 10 4.66 -25.43 40.11
C ALA C 10 4.62 -23.98 39.62
N GLN C 11 3.84 -23.70 38.58
CA GLN C 11 3.74 -22.33 38.07
C GLN C 11 3.09 -21.41 39.10
N ALA C 12 2.06 -21.89 39.79
CA ALA C 12 1.40 -21.08 40.81
C ALA C 12 2.34 -20.75 41.96
N ARG C 13 3.15 -21.73 42.39
CA ARG C 13 4.09 -21.48 43.47
C ARG C 13 5.16 -20.48 43.05
N LYS C 14 5.64 -20.57 41.81
CA LYS C 14 6.64 -19.62 41.33
C LYS C 14 6.07 -18.22 41.24
N LEU C 15 4.81 -18.08 40.81
CA LEU C 15 4.20 -16.76 40.69
C LEU C 15 4.02 -16.09 42.04
N VAL C 16 3.93 -16.87 43.12
CA VAL C 16 3.80 -16.30 44.46
C VAL C 16 5.04 -15.50 44.82
N GLU C 17 6.22 -16.05 44.55
CA GLU C 17 7.46 -15.34 44.84
C GLU C 17 7.62 -14.10 43.98
N GLN C 18 7.15 -14.14 42.73
CA GLN C 18 7.26 -12.98 41.86
C GLN C 18 6.45 -11.81 42.38
N LEU C 19 5.24 -12.08 42.90
CA LEU C 19 4.41 -11.01 43.43
C LEU C 19 5.00 -10.42 44.71
N LYS C 20 5.78 -11.21 45.45
CA LYS C 20 6.38 -10.70 46.68
C LYS C 20 7.38 -9.59 46.38
N MET C 21 8.19 -9.75 45.33
CA MET C 21 9.16 -8.73 44.98
C MET C 21 8.48 -7.44 44.56
N GLU C 22 7.40 -7.54 43.79
CA GLU C 22 6.69 -6.34 43.33
C GLU C 22 6.03 -5.62 44.50
N ALA C 23 5.49 -6.36 45.46
CA ALA C 23 4.80 -5.75 46.60
C ALA C 23 5.77 -5.15 47.60
N ASN C 24 7.00 -5.67 47.68
CA ASN C 24 7.96 -5.24 48.69
C ASN C 24 8.79 -4.04 48.27
N ILE C 25 8.69 -3.61 47.01
CA ILE C 25 9.48 -2.46 46.57
C ILE C 25 8.89 -1.18 47.14
N ASP C 26 9.75 -0.19 47.37
CA ASP C 26 9.32 1.08 47.93
C ASP C 26 8.43 1.83 46.95
N ARG C 27 7.30 2.35 47.45
CA ARG C 27 6.37 3.12 46.66
C ARG C 27 6.13 4.46 47.33
N ILE C 28 6.22 5.53 46.55
CA ILE C 28 6.04 6.88 47.08
C ILE C 28 4.68 7.42 46.62
N LYS C 29 4.32 8.58 47.14
CA LYS C 29 3.04 9.19 46.80
C LYS C 29 3.00 9.58 45.33
N VAL C 30 1.83 9.43 44.72
CA VAL C 30 1.67 9.77 43.31
C VAL C 30 1.80 11.27 43.09
N SER C 31 1.43 12.08 44.09
CA SER C 31 1.56 13.53 43.95
C SER C 31 3.02 13.94 43.82
N LYS C 32 3.91 13.33 44.61
CA LYS C 32 5.33 13.66 44.50
C LYS C 32 5.90 13.27 43.15
N ALA C 33 5.51 12.10 42.63
CA ALA C 33 5.98 11.68 41.31
C ALA C 33 5.47 12.62 40.23
N ALA C 34 4.20 13.03 40.31
CA ALA C 34 3.66 13.96 39.33
C ALA C 34 4.36 15.31 39.40
N ALA C 35 4.66 15.79 40.62
CA ALA C 35 5.36 17.05 40.77
C ALA C 35 6.77 16.96 40.20
N ASP C 36 7.46 15.84 40.42
CA ASP C 36 8.79 15.65 39.86
C ASP C 36 8.75 15.63 38.33
N LEU C 37 7.74 14.94 37.77
CA LEU C 37 7.60 14.91 36.32
C LEU C 37 7.35 16.30 35.75
N MET C 38 6.48 17.08 36.41
CA MET C 38 6.21 18.43 35.96
C MET C 38 7.46 19.31 36.06
N ALA C 39 8.21 19.17 37.15
CA ALA C 39 9.44 19.94 37.32
C ALA C 39 10.45 19.62 36.24
N TYR C 40 10.59 18.33 35.90
CA TYR C 40 11.50 17.95 34.83
C TYR C 40 11.02 18.53 33.49
N CYS C 41 9.70 18.51 33.25
CA CYS C 41 9.17 19.05 32.01
C CYS C 41 9.44 20.54 31.88
N GLU C 42 9.25 21.30 32.96
CA GLU C 42 9.54 22.73 32.91
C GLU C 42 11.04 22.98 32.80
N ALA C 43 11.86 22.11 33.39
CA ALA C 43 13.31 22.29 33.34
C ALA C 43 13.83 22.22 31.90
N HIS C 44 13.31 21.28 31.11
CA HIS C 44 13.74 21.10 29.73
C HIS C 44 12.77 21.70 28.73
N ALA C 45 11.79 22.50 29.18
CA ALA C 45 10.81 23.06 28.27
C ALA C 45 11.47 24.01 27.27
N LYS C 46 12.43 24.82 27.72
CA LYS C 46 13.09 25.77 26.83
C LYS C 46 14.00 25.08 25.80
N GLU C 47 14.36 23.83 26.04
CA GLU C 47 15.23 23.08 25.13
C GLU C 47 14.46 22.12 24.23
N ASP C 48 13.13 22.24 24.17
CA ASP C 48 12.32 21.35 23.35
C ASP C 48 11.88 22.09 22.09
N PRO C 49 12.43 21.75 20.92
CA PRO C 49 11.97 22.40 19.68
C PRO C 49 10.51 22.17 19.37
N LEU C 50 9.94 21.03 19.78
CA LEU C 50 8.51 20.81 19.57
C LEU C 50 7.68 21.76 20.42
N LEU C 51 7.99 21.85 21.72
CA LEU C 51 7.23 22.72 22.61
C LEU C 51 7.47 24.18 22.29
N THR C 52 8.73 24.57 22.12
CA THR C 52 9.08 25.94 21.76
C THR C 52 9.56 25.98 20.32
N PRO C 53 8.83 26.61 19.40
CA PRO C 53 9.25 26.61 17.99
C PRO C 53 10.61 27.27 17.81
N VAL C 54 11.39 26.72 16.90
CA VAL C 54 12.76 27.18 16.64
C VAL C 54 12.77 27.96 15.32
N PRO C 55 13.51 29.07 15.23
CA PRO C 55 13.62 29.77 13.96
C PRO C 55 14.30 28.91 12.91
N ALA C 56 13.93 29.17 11.64
CA ALA C 56 14.45 28.37 10.53
C ALA C 56 15.95 28.51 10.36
N SER C 57 16.56 29.56 10.91
CA SER C 57 18.01 29.73 10.81
C SER C 57 18.74 28.60 11.53
N GLU C 58 18.28 28.24 12.72
CA GLU C 58 18.86 27.15 13.48
C GLU C 58 18.13 25.82 13.25
N ASN C 59 17.08 25.83 12.45
CA ASN C 59 16.33 24.60 12.17
C ASN C 59 16.90 23.93 10.93
N PRO C 60 17.43 22.70 11.05
CA PRO C 60 18.00 22.05 9.87
C PRO C 60 17.01 21.19 9.09
N PHE C 61 15.72 21.36 9.35
CA PHE C 61 14.68 20.62 8.64
C PHE C 61 13.73 21.56 7.91
N ILE D 23 -26.59 13.66 -52.80
CA ILE D 23 -25.19 13.88 -53.12
C ILE D 23 -24.81 15.33 -52.88
N GLY D 24 -25.57 16.25 -53.48
CA GLY D 24 -25.34 17.66 -53.32
C GLY D 24 -25.45 18.14 -51.89
N ASP D 25 -24.47 18.93 -51.44
CA ASP D 25 -24.46 19.47 -50.09
C ASP D 25 -24.19 20.96 -50.14
N ILE D 26 -24.82 21.70 -49.22
CA ILE D 26 -24.69 23.15 -49.13
C ILE D 26 -24.32 23.50 -47.70
N VAL D 27 -23.32 24.35 -47.53
CA VAL D 27 -22.88 24.78 -46.21
C VAL D 27 -23.88 25.81 -45.67
N VAL D 28 -24.52 25.48 -44.54
CA VAL D 28 -25.51 26.35 -43.93
C VAL D 28 -25.17 26.56 -42.47
N PHE D 29 -23.91 26.37 -42.10
CA PHE D 29 -23.47 26.49 -40.72
C PHE D 29 -23.02 27.93 -40.46
N GLY D 30 -23.75 28.63 -39.60
CA GLY D 30 -23.38 29.97 -39.21
C GLY D 30 -22.03 30.05 -38.53
N THR D 31 -21.21 31.01 -38.93
CA THR D 31 -19.85 31.12 -38.38
C THR D 31 -19.89 31.50 -36.90
N VAL D 32 -20.82 32.38 -36.50
CA VAL D 32 -20.88 32.78 -35.10
C VAL D 32 -21.39 31.63 -34.23
N PHE D 33 -22.40 30.91 -34.69
CA PHE D 33 -22.90 29.76 -33.93
C PHE D 33 -21.85 28.67 -33.84
N LEU D 34 -21.12 28.43 -34.92
CA LEU D 34 -20.07 27.42 -34.91
C LEU D 34 -18.92 27.85 -33.98
N SER D 35 -18.59 29.13 -33.96
CA SER D 35 -17.56 29.61 -33.03
C SER D 35 -18.00 29.46 -31.58
N ILE D 36 -19.28 29.76 -31.30
CA ILE D 36 -19.80 29.56 -29.94
C ILE D 36 -19.77 28.08 -29.57
N PHE D 37 -20.08 27.22 -30.54
CA PHE D 37 -20.01 25.79 -30.30
C PHE D 37 -18.58 25.35 -29.97
N TYR D 38 -17.60 25.84 -30.73
CA TYR D 38 -16.21 25.52 -30.40
C TYR D 38 -15.82 26.06 -29.04
N SER D 39 -16.33 27.23 -28.67
CA SER D 39 -16.01 27.79 -27.35
C SER D 39 -16.56 26.90 -26.23
N VAL D 40 -17.81 26.46 -26.36
CA VAL D 40 -18.37 25.61 -25.32
C VAL D 40 -17.69 24.23 -25.32
N ILE D 41 -17.29 23.74 -26.50
CA ILE D 41 -16.55 22.49 -26.56
C ILE D 41 -15.21 22.64 -25.84
N PHE D 42 -14.54 23.77 -26.05
CA PHE D 42 -13.29 24.07 -25.34
C PHE D 42 -13.52 24.05 -23.83
N ALA D 43 -14.57 24.72 -23.37
CA ALA D 43 -14.83 24.77 -21.93
C ALA D 43 -15.07 23.39 -21.36
N ILE D 44 -15.93 22.60 -22.01
CA ILE D 44 -16.27 21.26 -21.51
C ILE D 44 -15.04 20.38 -21.51
N GLY D 45 -14.28 20.40 -22.61
CA GLY D 45 -13.10 19.55 -22.71
C GLY D 45 -12.03 19.92 -21.70
N LEU D 46 -11.80 21.21 -21.50
CA LEU D 46 -10.82 21.64 -20.51
C LEU D 46 -11.24 21.21 -19.11
N VAL D 47 -12.52 21.41 -18.76
CA VAL D 47 -12.99 21.01 -17.43
C VAL D 47 -12.83 19.50 -17.24
N GLY D 48 -13.26 18.72 -18.24
CA GLY D 48 -13.16 17.27 -18.12
C GLY D 48 -11.74 16.78 -18.02
N ASN D 49 -10.84 17.33 -18.85
CA ASN D 49 -9.44 16.90 -18.81
C ASN D 49 -8.78 17.28 -17.50
N LEU D 50 -9.06 18.49 -16.98
CA LEU D 50 -8.51 18.87 -15.68
C LEU D 50 -9.01 17.94 -14.59
N LEU D 51 -10.30 17.62 -14.60
CA LEU D 51 -10.84 16.71 -13.58
C LEU D 51 -10.21 15.33 -13.69
N VAL D 52 -10.03 14.83 -14.92
CA VAL D 52 -9.45 13.51 -15.10
C VAL D 52 -8.00 13.47 -14.61
N VAL D 53 -7.21 14.47 -15.02
CA VAL D 53 -5.80 14.53 -14.59
C VAL D 53 -5.71 14.63 -13.07
N PHE D 54 -6.55 15.45 -12.46
CA PHE D 54 -6.56 15.55 -11.01
C PHE D 54 -6.93 14.23 -10.36
N ALA D 55 -7.92 13.53 -10.92
CA ALA D 55 -8.34 12.24 -10.36
C ALA D 55 -7.23 11.20 -10.47
N LEU D 56 -6.48 11.22 -11.57
CA LEU D 56 -5.39 10.26 -11.75
C LEU D 56 -4.13 10.63 -11.01
N THR D 57 -4.08 11.82 -10.40
CA THR D 57 -2.93 12.25 -9.60
C THR D 57 -3.43 12.88 -8.30
N ASN D 58 -4.43 12.25 -7.68
CA ASN D 58 -5.01 12.80 -6.45
C ASN D 58 -4.32 12.27 -5.20
N SER D 59 -4.05 10.97 -5.14
CA SER D 59 -3.42 10.35 -3.99
C SER D 59 -1.95 10.09 -4.25
N LYS D 60 -1.21 9.82 -3.18
CA LYS D 60 0.21 9.52 -3.25
C LYS D 60 0.49 8.05 -3.53
N LYS D 61 -0.54 7.22 -3.62
CA LYS D 61 -0.35 5.81 -3.91
C LYS D 61 0.17 5.63 -5.33
N PRO D 62 0.92 4.55 -5.59
CA PRO D 62 1.42 4.31 -6.95
C PRO D 62 0.28 4.19 -7.95
N LYS D 63 0.50 4.75 -9.14
CA LYS D 63 -0.51 4.77 -10.19
C LYS D 63 -0.36 3.56 -11.09
N SER D 64 -1.49 2.96 -11.45
CA SER D 64 -1.48 1.81 -12.34
C SER D 64 -1.12 2.23 -13.75
N VAL D 65 -0.75 1.24 -14.57
CA VAL D 65 -0.37 1.52 -15.96
C VAL D 65 -1.58 2.03 -16.74
N THR D 66 -2.76 1.48 -16.47
CA THR D 66 -3.98 1.97 -17.11
C THR D 66 -4.23 3.42 -16.70
N ASP D 67 -3.90 3.77 -15.46
CA ASP D 67 -4.08 5.16 -15.01
C ASP D 67 -3.21 6.12 -15.81
N ILE D 68 -1.94 5.76 -16.04
CA ILE D 68 -1.07 6.65 -16.81
C ILE D 68 -1.48 6.66 -18.28
N TYR D 69 -2.01 5.55 -18.79
CA TYR D 69 -2.52 5.55 -20.16
C TYR D 69 -3.71 6.50 -20.30
N LEU D 70 -4.63 6.47 -19.33
CA LEU D 70 -5.74 7.42 -19.34
C LEU D 70 -5.27 8.84 -19.17
N LEU D 71 -4.21 9.06 -18.38
CA LEU D 71 -3.62 10.39 -18.26
C LEU D 71 -3.06 10.87 -19.60
N ASN D 72 -2.41 9.97 -20.34
CA ASN D 72 -1.92 10.33 -21.67
C ASN D 72 -3.06 10.64 -22.63
N LEU D 73 -4.16 9.88 -22.55
CA LEU D 73 -5.33 10.19 -23.36
C LEU D 73 -5.90 11.55 -23.02
N ALA D 74 -5.97 11.87 -21.72
CA ALA D 74 -6.42 13.19 -21.30
C ALA D 74 -5.49 14.28 -21.80
N LEU D 75 -4.18 14.00 -21.82
CA LEU D 75 -3.23 14.97 -22.37
C LEU D 75 -3.44 15.18 -23.86
N SER D 76 -3.77 14.11 -24.60
CA SER D 76 -4.09 14.27 -26.01
C SER D 76 -5.34 15.12 -26.21
N ASP D 77 -6.36 14.91 -25.36
CA ASP D 77 -7.54 15.76 -25.43
C ASP D 77 -7.20 17.20 -25.08
N LEU D 78 -6.28 17.40 -24.14
CA LEU D 78 -5.81 18.74 -23.82
C LEU D 78 -5.11 19.37 -25.02
N LEU D 79 -4.34 18.58 -25.77
CA LEU D 79 -3.74 19.07 -27.00
C LEU D 79 -4.80 19.50 -28.00
N PHE D 80 -5.88 18.72 -28.11
CA PHE D 80 -6.99 19.11 -28.98
C PHE D 80 -7.60 20.44 -28.55
N VAL D 81 -7.87 20.58 -27.26
CA VAL D 81 -8.51 21.81 -26.78
C VAL D 81 -7.55 22.98 -26.78
N ALA D 82 -6.25 22.74 -26.86
CA ALA D 82 -5.27 23.81 -27.01
C ALA D 82 -5.05 24.20 -28.46
N THR D 83 -5.29 23.28 -29.40
CA THR D 83 -5.14 23.60 -30.81
C THR D 83 -6.41 24.13 -31.46
N LEU D 84 -7.58 23.89 -30.86
CA LEU D 84 -8.81 24.45 -31.43
C LEU D 84 -8.89 25.98 -31.35
N PRO D 85 -8.26 26.65 -30.37
CA PRO D 85 -8.28 28.12 -30.41
C PRO D 85 -7.72 28.71 -31.68
N PHE D 86 -6.74 28.06 -32.31
CA PHE D 86 -6.28 28.52 -33.61
C PHE D 86 -7.39 28.47 -34.65
N TRP D 87 -8.17 27.39 -34.64
CA TRP D 87 -9.31 27.29 -35.54
C TRP D 87 -10.32 28.39 -35.28
N THR D 88 -10.58 28.68 -34.00
CA THR D 88 -11.47 29.79 -33.68
C THR D 88 -10.91 31.12 -34.18
N HIS D 89 -9.59 31.30 -34.06
CA HIS D 89 -8.96 32.51 -34.56
C HIS D 89 -9.14 32.66 -36.06
N TYR D 90 -9.01 31.55 -36.80
CA TYR D 90 -9.37 31.59 -38.23
C TYR D 90 -10.84 31.96 -38.42
N LEU D 91 -11.71 31.39 -37.61
CA LEU D 91 -13.15 31.52 -37.85
C LEU D 91 -13.63 32.95 -37.64
N ILE D 92 -13.30 33.56 -36.50
CA ILE D 92 -13.83 34.87 -36.13
C ILE D 92 -12.75 35.94 -36.15
N ASN D 93 -11.60 35.67 -35.52
CA ASN D 93 -10.56 36.69 -35.41
C ASN D 93 -9.97 37.01 -36.78
N GLU D 94 -9.59 35.97 -37.54
CA GLU D 94 -9.00 36.14 -38.87
C GLU D 94 -7.77 37.04 -38.83
N LYS D 95 -7.02 36.96 -37.74
CA LYS D 95 -5.81 37.75 -37.56
C LYS D 95 -4.68 36.86 -37.10
N GLY D 96 -3.45 37.22 -37.49
CA GLY D 96 -2.31 36.41 -37.15
C GLY D 96 -2.28 35.05 -37.80
N LEU D 97 -2.97 34.89 -38.92
CA LEU D 97 -3.04 33.59 -39.62
C LEU D 97 -1.80 33.46 -40.49
N HIS D 98 -0.72 32.98 -39.87
CA HIS D 98 0.54 32.75 -40.54
C HIS D 98 0.71 31.27 -40.88
N ASN D 99 1.63 31.00 -41.80
CA ASN D 99 1.93 29.62 -42.18
C ASN D 99 2.50 28.84 -41.01
N ALA D 100 3.35 29.49 -40.20
CA ALA D 100 3.93 28.82 -39.05
C ALA D 100 2.86 28.43 -38.04
N MET D 101 1.87 29.30 -37.83
CA MET D 101 0.81 28.99 -36.87
C MET D 101 -0.09 27.88 -37.38
N CYS D 102 -0.35 27.85 -38.69
CA CYS D 102 -1.07 26.71 -39.27
C CYS D 102 -0.30 25.41 -39.09
N LYS D 103 1.02 25.45 -39.33
CA LYS D 103 1.83 24.26 -39.09
C LYS D 103 1.74 23.82 -37.64
N PHE D 104 1.79 24.79 -36.72
CA PHE D 104 1.72 24.50 -35.29
C PHE D 104 0.40 23.82 -34.94
N THR D 105 -0.72 24.40 -35.38
CA THR D 105 -2.03 23.84 -35.00
C THR D 105 -2.30 22.51 -35.68
N THR D 106 -1.92 22.37 -36.95
CA THR D 106 -2.10 21.09 -37.63
C THR D 106 -1.25 20.00 -36.98
N ALA D 107 0.00 20.34 -36.61
CA ALA D 107 0.84 19.39 -35.92
C ALA D 107 0.21 18.95 -34.60
N PHE D 108 -0.25 19.92 -33.80
CA PHE D 108 -0.89 19.56 -32.54
C PHE D 108 -2.11 18.67 -32.76
N PHE D 109 -2.96 19.02 -33.71
CA PHE D 109 -4.19 18.24 -33.93
C PHE D 109 -3.86 16.82 -34.37
N PHE D 110 -2.93 16.66 -35.31
CA PHE D 110 -2.66 15.32 -35.82
C PHE D 110 -1.86 14.48 -34.81
N ILE D 111 -0.92 15.09 -34.09
CA ILE D 111 -0.22 14.31 -33.07
C ILE D 111 -1.17 13.95 -31.94
N GLY D 112 -2.14 14.80 -31.62
CA GLY D 112 -3.14 14.43 -30.64
C GLY D 112 -3.99 13.27 -31.10
N PHE D 113 -4.44 13.29 -32.36
CA PHE D 113 -5.25 12.19 -32.88
C PHE D 113 -4.45 10.89 -32.89
N PHE D 114 -3.19 10.94 -33.35
CA PHE D 114 -2.37 9.74 -33.42
C PHE D 114 -2.04 9.23 -32.03
N GLY D 115 -1.76 10.13 -31.09
CA GLY D 115 -1.54 9.69 -29.72
C GLY D 115 -2.77 9.06 -29.11
N SER D 116 -3.95 9.63 -29.40
CA SER D 116 -5.18 9.06 -28.88
C SER D 116 -5.41 7.64 -29.41
N ILE D 117 -5.27 7.46 -30.73
CA ILE D 117 -5.52 6.13 -31.29
C ILE D 117 -4.46 5.14 -30.83
N PHE D 118 -3.19 5.57 -30.79
CA PHE D 118 -2.12 4.67 -30.37
C PHE D 118 -2.27 4.29 -28.89
N PHE D 119 -2.62 5.25 -28.04
CA PHE D 119 -2.78 4.94 -26.61
C PHE D 119 -4.01 4.09 -26.36
N LEU D 120 -5.08 4.28 -27.13
CA LEU D 120 -6.22 3.38 -27.03
C LEU D 120 -5.83 1.95 -27.44
N THR D 121 -5.04 1.82 -28.50
CA THR D 121 -4.54 0.51 -28.90
C THR D 121 -3.67 -0.11 -27.79
N VAL D 122 -2.84 0.71 -27.17
CA VAL D 122 -1.98 0.22 -26.08
C VAL D 122 -2.81 -0.21 -24.89
N ILE D 123 -3.87 0.54 -24.58
CA ILE D 123 -4.79 0.13 -23.52
C ILE D 123 -5.43 -1.20 -23.85
N SER D 124 -5.86 -1.37 -25.11
CA SER D 124 -6.46 -2.64 -25.51
C SER D 124 -5.47 -3.79 -25.35
N ILE D 125 -4.23 -3.60 -25.79
CA ILE D 125 -3.21 -4.64 -25.65
C ILE D 125 -2.93 -4.93 -24.18
N ASP D 126 -2.86 -3.89 -23.36
CA ASP D 126 -2.59 -4.07 -21.93
C ASP D 126 -3.71 -4.86 -21.27
N ARG D 127 -4.96 -4.54 -21.61
CA ARG D 127 -6.09 -5.30 -21.08
C ARG D 127 -6.05 -6.75 -21.55
N TYR D 128 -5.69 -6.96 -22.82
CA TYR D 128 -5.58 -8.32 -23.33
C TYR D 128 -4.54 -9.13 -22.58
N LEU D 129 -3.37 -8.52 -22.32
CA LEU D 129 -2.34 -9.20 -21.54
C LEU D 129 -2.81 -9.44 -20.11
N ALA D 130 -3.43 -8.44 -19.48
CA ALA D 130 -3.84 -8.57 -18.09
C ALA D 130 -4.94 -9.61 -17.92
N ILE D 131 -5.78 -9.81 -18.92
CA ILE D 131 -6.94 -10.70 -18.81
C ILE D 131 -6.64 -12.08 -19.37
N VAL D 132 -6.11 -12.15 -20.59
CA VAL D 132 -5.90 -13.45 -21.23
C VAL D 132 -4.59 -14.07 -20.76
N LEU D 133 -3.47 -13.40 -21.05
CA LEU D 133 -2.15 -13.91 -20.67
C LEU D 133 -1.71 -13.30 -19.34
N ALA D 134 -2.56 -13.49 -18.32
CA ALA D 134 -2.35 -12.84 -17.03
C ALA D 134 -1.03 -13.29 -16.40
N ALA D 135 -0.77 -14.60 -16.39
CA ALA D 135 0.48 -15.09 -15.84
C ALA D 135 1.68 -14.60 -16.64
N ASN D 136 1.58 -14.64 -17.97
CA ASN D 136 2.68 -14.16 -18.81
C ASN D 136 2.87 -12.65 -18.64
N SER D 137 1.78 -11.89 -18.57
CA SER D 137 1.89 -10.45 -18.39
C SER D 137 2.55 -10.11 -17.05
N MET D 138 2.15 -10.80 -15.98
CA MET D 138 2.77 -10.57 -14.69
C MET D 138 4.24 -10.96 -14.70
N ASN D 139 4.58 -12.07 -15.37
CA ASN D 139 5.97 -12.51 -15.42
C ASN D 139 6.85 -11.51 -16.18
N ASN D 140 6.32 -10.93 -17.26
CA ASN D 140 7.09 -9.95 -18.02
C ASN D 140 7.31 -8.68 -17.21
N ARG D 141 8.52 -8.14 -17.30
CA ARG D 141 8.88 -6.92 -16.57
C ARG D 141 8.53 -5.65 -17.32
N THR D 142 8.44 -5.71 -18.66
CA THR D 142 8.11 -4.52 -19.43
C THR D 142 6.66 -4.09 -19.26
N VAL D 143 5.80 -4.97 -18.76
CA VAL D 143 4.40 -4.61 -18.56
C VAL D 143 4.28 -3.52 -17.49
N GLN D 144 5.00 -3.66 -16.38
CA GLN D 144 4.93 -2.66 -15.32
C GLN D 144 5.59 -1.35 -15.75
N HIS D 145 6.62 -1.42 -16.59
CA HIS D 145 7.34 -0.22 -17.04
C HIS D 145 6.46 0.49 -18.07
N GLY D 146 5.40 1.14 -17.56
CA GLY D 146 4.50 1.88 -18.42
C GLY D 146 5.01 3.24 -18.84
N VAL D 147 5.98 3.80 -18.10
CA VAL D 147 6.50 5.11 -18.45
C VAL D 147 7.28 5.05 -19.77
N THR D 148 8.18 4.07 -19.90
CA THR D 148 8.92 3.93 -21.14
C THR D 148 7.99 3.58 -22.30
N ILE D 149 6.92 2.83 -22.04
CA ILE D 149 5.92 2.56 -23.07
C ILE D 149 5.24 3.85 -23.49
N SER D 150 4.92 4.72 -22.54
CA SER D 150 4.28 5.99 -22.88
C SER D 150 5.20 6.87 -23.71
N LEU D 151 6.49 6.96 -23.34
CA LEU D 151 7.43 7.71 -24.16
C LEU D 151 7.56 7.11 -25.56
N GLY D 152 7.63 5.78 -25.66
CA GLY D 152 7.72 5.15 -26.96
C GLY D 152 6.50 5.42 -27.82
N VAL D 153 5.31 5.36 -27.21
CA VAL D 153 4.07 5.61 -27.95
C VAL D 153 4.02 7.06 -28.42
N TRP D 154 4.40 8.00 -27.55
CA TRP D 154 4.41 9.41 -27.95
C TRP D 154 5.41 9.66 -29.07
N ALA D 155 6.60 9.05 -28.98
CA ALA D 155 7.59 9.19 -30.04
C ALA D 155 7.10 8.62 -31.35
N ALA D 156 6.46 7.44 -31.30
CA ALA D 156 5.92 6.84 -32.52
C ALA D 156 4.82 7.70 -33.12
N ALA D 157 3.94 8.25 -32.29
CA ALA D 157 2.88 9.11 -32.79
C ALA D 157 3.45 10.37 -33.43
N ILE D 158 4.46 10.97 -32.79
CA ILE D 158 5.09 12.16 -33.35
C ILE D 158 5.77 11.84 -34.67
N LEU D 159 6.47 10.70 -34.74
CA LEU D 159 7.16 10.32 -35.97
C LEU D 159 6.16 10.06 -37.10
N VAL D 160 5.04 9.40 -36.78
CA VAL D 160 4.07 9.06 -37.82
C VAL D 160 3.24 10.28 -38.24
N ALA D 161 3.09 11.28 -37.37
CA ALA D 161 2.40 12.50 -37.73
C ALA D 161 3.32 13.57 -38.30
N ALA D 162 4.63 13.38 -38.22
CA ALA D 162 5.58 14.34 -38.80
C ALA D 162 5.36 14.61 -40.28
N PRO D 163 5.16 13.59 -41.14
CA PRO D 163 4.87 13.90 -42.55
C PRO D 163 3.52 14.56 -42.77
N GLN D 164 2.65 14.59 -41.77
CA GLN D 164 1.29 15.07 -41.96
C GLN D 164 1.21 16.59 -42.00
N PHE D 165 2.22 17.30 -41.52
CA PHE D 165 2.15 18.75 -41.43
C PHE D 165 3.41 19.48 -41.88
N MET D 166 4.43 18.78 -42.36
CA MET D 166 5.71 19.41 -42.64
C MET D 166 5.82 19.98 -44.06
N PHE D 167 4.73 19.91 -44.84
CA PHE D 167 4.71 20.49 -46.17
C PHE D 167 3.40 21.24 -46.39
N THR D 168 3.02 22.09 -45.43
CA THR D 168 1.78 22.84 -45.50
C THR D 168 2.07 24.34 -45.44
N LYS D 169 1.18 25.11 -46.05
CA LYS D 169 1.27 26.57 -46.05
C LYS D 169 -0.11 27.14 -46.33
N GLN D 170 -0.24 28.45 -46.18
CA GLN D 170 -1.51 29.15 -46.28
C GLN D 170 -1.69 29.73 -47.68
N LYS D 171 -2.85 29.47 -48.27
CA LYS D 171 -3.20 30.00 -49.59
C LYS D 171 -4.66 30.37 -49.61
N GLU D 172 -4.95 31.66 -49.79
CA GLU D 172 -6.32 32.17 -49.95
C GLU D 172 -7.19 31.82 -48.73
N ASN D 173 -6.73 32.28 -47.56
CA ASN D 173 -7.46 32.15 -46.30
C ASN D 173 -7.78 30.70 -45.94
N GLU D 174 -7.00 29.75 -46.46
CA GLU D 174 -7.20 28.34 -46.16
C GLU D 174 -5.85 27.64 -46.33
N CYS D 175 -5.26 27.21 -45.23
CA CYS D 175 -3.91 26.66 -45.25
C CYS D 175 -3.97 25.16 -45.48
N LEU D 176 -3.64 24.75 -46.71
CA LEU D 176 -3.59 23.33 -47.08
C LEU D 176 -2.79 23.21 -48.37
N GLY D 177 -2.32 22.01 -48.64
CA GLY D 177 -1.59 21.76 -49.88
C GLY D 177 -0.19 22.29 -49.82
N ASP D 178 0.18 23.10 -50.82
CA ASP D 178 1.53 23.67 -50.93
C ASP D 178 2.61 22.60 -50.92
N TYR D 179 2.40 21.55 -51.72
CA TYR D 179 3.37 20.46 -51.83
C TYR D 179 4.28 20.68 -53.04
N PRO D 180 5.51 20.14 -53.00
CA PRO D 180 6.38 20.23 -54.16
C PRO D 180 5.76 19.53 -55.37
N GLU D 181 6.07 20.06 -56.56
CA GLU D 181 5.44 19.54 -57.78
C GLU D 181 5.77 18.07 -58.00
N VAL D 182 7.01 17.67 -57.75
CA VAL D 182 7.38 16.26 -57.89
C VAL D 182 6.63 15.41 -56.88
N LEU D 183 6.54 15.88 -55.63
CA LEU D 183 5.86 15.12 -54.59
C LEU D 183 4.34 15.15 -54.79
N GLN D 184 3.80 16.27 -55.28
CA GLN D 184 2.35 16.44 -55.34
C GLN D 184 1.65 15.38 -56.17
N GLU D 185 2.38 14.71 -57.07
CA GLU D 185 1.78 13.64 -57.85
C GLU D 185 1.37 12.47 -56.95
N ILE D 186 2.18 12.17 -55.93
CA ILE D 186 1.90 11.02 -55.07
C ILE D 186 1.88 11.36 -53.59
N TRP D 187 2.43 12.49 -53.16
CA TRP D 187 2.50 12.78 -51.72
C TRP D 187 1.12 12.92 -51.07
N PRO D 188 0.15 13.67 -51.63
CA PRO D 188 -1.14 13.79 -50.92
C PRO D 188 -1.90 12.47 -50.82
N VAL D 189 -1.95 11.69 -51.90
CA VAL D 189 -2.69 10.44 -51.86
C VAL D 189 -2.01 9.44 -50.92
N LEU D 190 -0.67 9.41 -50.93
CA LEU D 190 0.06 8.55 -50.01
C LEU D 190 -0.20 8.96 -48.57
N ARG D 191 -0.19 10.27 -48.30
CA ARG D 191 -0.47 10.75 -46.95
C ARG D 191 -1.87 10.36 -46.50
N ASN D 192 -2.86 10.52 -47.38
CA ASN D 192 -4.24 10.21 -47.03
C ASN D 192 -4.41 8.71 -46.76
N VAL D 193 -3.86 7.87 -47.64
CA VAL D 193 -4.00 6.43 -47.46
C VAL D 193 -3.25 5.98 -46.21
N GLU D 194 -2.10 6.60 -45.92
CA GLU D 194 -1.33 6.23 -44.74
C GLU D 194 -2.07 6.59 -43.47
N THR D 195 -2.66 7.80 -43.41
CA THR D 195 -3.37 8.18 -42.21
C THR D 195 -4.66 7.36 -42.04
N ASN D 196 -5.34 7.05 -43.14
CA ASN D 196 -6.53 6.20 -43.05
C ASN D 196 -6.15 4.82 -42.54
N PHE D 197 -5.06 4.25 -43.04
CA PHE D 197 -4.59 2.96 -42.57
C PHE D 197 -4.25 3.02 -41.08
N LEU D 198 -3.30 3.87 -40.71
CA LEU D 198 -2.87 3.97 -39.32
C LEU D 198 -4.00 4.39 -38.39
N GLY D 199 -5.11 4.88 -38.93
CA GLY D 199 -6.28 5.13 -38.10
C GLY D 199 -7.17 3.93 -37.90
N PHE D 200 -7.72 3.37 -39.00
CA PHE D 200 -8.78 2.36 -38.87
C PHE D 200 -8.47 1.05 -39.60
N LEU D 201 -7.21 0.69 -39.81
CA LEU D 201 -6.90 -0.60 -40.41
C LEU D 201 -6.14 -1.52 -39.45
N LEU D 202 -4.97 -1.09 -38.97
CA LEU D 202 -4.24 -1.89 -38.01
C LEU D 202 -4.79 -1.71 -36.59
N PRO D 203 -4.98 -0.48 -36.09
CA PRO D 203 -5.56 -0.34 -34.75
C PRO D 203 -6.94 -0.95 -34.62
N LEU D 204 -7.78 -0.84 -35.65
CA LEU D 204 -9.11 -1.42 -35.60
C LEU D 204 -9.05 -2.94 -35.40
N LEU D 205 -8.27 -3.62 -36.23
CA LEU D 205 -8.16 -5.07 -36.12
C LEU D 205 -7.53 -5.48 -34.80
N ILE D 206 -6.48 -4.76 -34.37
CA ILE D 206 -5.80 -5.11 -33.13
C ILE D 206 -6.75 -4.98 -31.95
N MET D 207 -7.48 -3.86 -31.86
CA MET D 207 -8.43 -3.66 -30.79
C MET D 207 -9.54 -4.70 -30.84
N SER D 208 -10.05 -5.00 -32.04
CA SER D 208 -11.12 -5.96 -32.15
C SER D 208 -10.69 -7.33 -31.66
N TYR D 209 -9.50 -7.78 -32.08
CA TYR D 209 -9.01 -9.08 -31.65
C TYR D 209 -8.76 -9.10 -30.14
N CYS D 210 -8.13 -8.05 -29.60
CA CYS D 210 -7.84 -8.01 -28.17
C CYS D 210 -9.12 -8.05 -27.35
N TYR D 211 -10.12 -7.22 -27.73
CA TYR D 211 -11.36 -7.19 -26.96
C TYR D 211 -12.16 -8.47 -27.15
N PHE D 212 -12.07 -9.11 -28.32
CA PHE D 212 -12.72 -10.40 -28.51
C PHE D 212 -12.13 -11.45 -27.58
N ARG D 213 -10.80 -11.49 -27.47
CA ARG D 213 -10.16 -12.42 -26.54
C ARG D 213 -10.51 -12.10 -25.10
N ILE D 214 -10.58 -10.82 -24.75
CA ILE D 214 -10.94 -10.43 -23.39
C ILE D 214 -12.36 -10.88 -23.07
N ILE D 215 -13.29 -10.67 -24.00
CA ILE D 215 -14.67 -11.08 -23.78
C ILE D 215 -14.77 -12.59 -23.64
N GLN D 216 -14.05 -13.32 -24.49
CA GLN D 216 -14.05 -14.79 -24.39
C GLN D 216 -13.52 -15.24 -23.03
N THR D 217 -12.41 -14.65 -22.58
CA THR D 217 -11.85 -15.04 -21.29
C THR D 217 -12.79 -14.70 -20.15
N LEU D 218 -13.41 -13.52 -20.18
CA LEU D 218 -14.33 -13.12 -19.12
C LEU D 218 -15.54 -14.04 -19.07
N PHE D 219 -16.10 -14.40 -20.22
CA PHE D 219 -17.25 -15.31 -20.22
C PHE D 219 -16.84 -16.72 -19.77
N SER D 220 -15.66 -17.18 -20.19
CA SER D 220 -15.21 -18.52 -19.78
C SER D 220 -14.98 -18.58 -18.28
N SER D 221 -14.37 -17.54 -17.71
CA SER D 221 -14.05 -17.51 -16.29
C SER D 221 -15.13 -16.87 -15.44
N LYS D 222 -16.25 -16.47 -16.06
CA LYS D 222 -17.42 -15.95 -15.35
C LYS D 222 -17.10 -14.71 -14.51
N ASN D 223 -16.23 -13.84 -15.01
CA ASN D 223 -15.96 -12.55 -14.37
C ASN D 223 -16.71 -11.41 -15.02
N HIS D 224 -17.66 -11.70 -15.91
CA HIS D 224 -18.36 -10.63 -16.63
C HIS D 224 -19.22 -9.78 -15.72
N LYS D 225 -19.71 -10.35 -14.61
CA LYS D 225 -20.56 -9.59 -13.70
C LYS D 225 -19.79 -8.50 -12.97
N LYS D 226 -18.46 -8.62 -12.88
CA LYS D 226 -17.64 -7.63 -12.18
C LYS D 226 -16.65 -6.95 -13.11
N ALA D 227 -16.72 -7.19 -14.41
CA ALA D 227 -15.79 -6.58 -15.38
C ALA D 227 -16.36 -5.26 -15.88
N LYS D 228 -16.52 -4.32 -14.94
CA LYS D 228 -17.07 -3.01 -15.28
C LYS D 228 -16.03 -2.16 -16.02
N ALA D 229 -14.76 -2.27 -15.64
CA ALA D 229 -13.72 -1.48 -16.29
C ALA D 229 -13.56 -1.87 -17.75
N ILE D 230 -13.63 -3.17 -18.05
CA ILE D 230 -13.51 -3.62 -19.43
C ILE D 230 -14.66 -3.07 -20.26
N LYS D 231 -15.89 -3.10 -19.71
CA LYS D 231 -17.03 -2.54 -20.41
C LYS D 231 -16.87 -1.03 -20.62
N LEU D 232 -16.35 -0.33 -19.62
CA LEU D 232 -16.15 1.12 -19.75
C LEU D 232 -15.15 1.42 -20.85
N ILE D 233 -14.02 0.70 -20.88
CA ILE D 233 -13.02 0.93 -21.90
C ILE D 233 -13.55 0.58 -23.29
N LEU D 234 -14.32 -0.50 -23.38
CA LEU D 234 -14.92 -0.87 -24.66
C LEU D 234 -15.91 0.19 -25.14
N LEU D 235 -16.71 0.75 -24.22
CA LEU D 235 -17.63 1.81 -24.58
C LEU D 235 -16.88 3.05 -25.06
N VAL D 236 -15.79 3.41 -24.38
CA VAL D 236 -14.99 4.56 -24.79
C VAL D 236 -14.41 4.33 -26.19
N VAL D 237 -13.90 3.12 -26.43
CA VAL D 237 -13.33 2.81 -27.74
C VAL D 237 -14.40 2.88 -28.82
N ILE D 238 -15.59 2.35 -28.53
CA ILE D 238 -16.68 2.40 -29.50
C ILE D 238 -17.09 3.84 -29.79
N VAL D 239 -17.17 4.67 -28.75
CA VAL D 239 -17.51 6.08 -28.95
C VAL D 239 -16.47 6.76 -29.83
N PHE D 240 -15.19 6.51 -29.54
CA PHE D 240 -14.12 7.08 -30.35
C PHE D 240 -14.24 6.65 -31.80
N PHE D 241 -14.47 5.36 -32.04
CA PHE D 241 -14.54 4.87 -33.41
C PHE D 241 -15.75 5.45 -34.14
N LEU D 242 -16.90 5.49 -33.49
CA LEU D 242 -18.10 6.03 -34.15
C LEU D 242 -17.95 7.52 -34.45
N PHE D 243 -17.32 8.28 -33.55
CA PHE D 243 -17.19 9.72 -33.77
C PHE D 243 -16.01 10.08 -34.66
N TRP D 244 -15.08 9.16 -34.89
CA TRP D 244 -13.99 9.40 -35.84
C TRP D 244 -14.17 8.68 -37.16
N THR D 245 -15.23 7.88 -37.31
CA THR D 245 -15.48 7.21 -38.58
C THR D 245 -15.69 8.16 -39.75
N PRO D 246 -16.51 9.22 -39.66
CA PRO D 246 -16.71 10.08 -40.85
C PRO D 246 -15.42 10.71 -41.36
N TYR D 247 -14.49 11.06 -40.48
CA TYR D 247 -13.24 11.66 -40.95
C TYR D 247 -12.45 10.68 -41.81
N ASN D 248 -12.35 9.43 -41.37
CA ASN D 248 -11.64 8.44 -42.18
C ASN D 248 -12.42 8.09 -43.44
N VAL D 249 -13.75 8.11 -43.39
CA VAL D 249 -14.54 7.86 -44.59
C VAL D 249 -14.27 8.95 -45.64
N VAL D 250 -14.26 10.21 -45.22
CA VAL D 250 -14.00 11.28 -46.18
C VAL D 250 -12.55 11.27 -46.62
N ILE D 251 -11.63 10.84 -45.76
CA ILE D 251 -10.24 10.67 -46.19
C ILE D 251 -10.14 9.60 -47.28
N PHE D 252 -10.85 8.48 -47.10
CA PHE D 252 -10.87 7.44 -48.12
C PHE D 252 -11.50 7.94 -49.41
N LEU D 253 -12.56 8.75 -49.31
CA LEU D 253 -13.18 9.34 -50.49
C LEU D 253 -12.20 10.25 -51.21
N GLU D 254 -11.43 11.04 -50.46
CA GLU D 254 -10.41 11.89 -51.07
C GLU D 254 -9.33 11.04 -51.77
N THR D 255 -8.93 9.94 -51.12
CA THR D 255 -7.94 9.06 -51.72
C THR D 255 -8.46 8.47 -53.03
N LEU D 256 -9.71 8.05 -53.06
CA LEU D 256 -10.30 7.53 -54.29
C LEU D 256 -10.40 8.61 -55.35
N LYS D 257 -10.75 9.84 -54.95
CA LYS D 257 -10.84 10.94 -55.91
C LYS D 257 -9.49 11.24 -56.53
N LEU D 258 -8.42 11.25 -55.72
CA LEU D 258 -7.08 11.44 -56.27
C LEU D 258 -6.67 10.27 -57.15
N TYR D 259 -7.17 9.07 -56.87
CA TYR D 259 -6.95 7.91 -57.71
C TYR D 259 -8.05 7.72 -58.75
N ASP D 260 -8.76 8.81 -59.08
CA ASP D 260 -9.78 8.88 -60.14
C ASP D 260 -10.76 7.70 -60.10
N PHE D 261 -10.95 7.10 -58.93
CA PHE D 261 -11.88 6.00 -58.75
C PHE D 261 -13.29 6.45 -58.38
N PHE D 262 -13.48 7.74 -58.08
CA PHE D 262 -14.78 8.25 -57.69
C PHE D 262 -15.46 8.90 -58.88
N PRO D 263 -16.60 8.38 -59.34
CA PRO D 263 -17.22 8.92 -60.55
C PRO D 263 -17.97 10.23 -60.32
N SER D 264 -18.53 10.41 -59.12
CA SER D 264 -19.32 11.59 -58.84
C SER D 264 -18.44 12.85 -58.82
N CYS D 265 -18.98 13.95 -59.35
CA CYS D 265 -18.25 15.20 -59.42
C CYS D 265 -18.57 16.16 -58.29
N ASP D 266 -19.75 16.04 -57.66
CA ASP D 266 -20.13 16.91 -56.56
C ASP D 266 -19.27 16.70 -55.32
N MET D 267 -18.54 15.59 -55.26
CA MET D 267 -17.65 15.35 -54.11
C MET D 267 -16.57 16.42 -54.04
N ARG D 268 -16.03 16.83 -55.18
CA ARG D 268 -15.00 17.87 -55.19
C ARG D 268 -15.50 19.17 -54.58
N LYS D 269 -16.82 19.39 -54.56
CA LYS D 269 -17.39 20.57 -53.94
C LYS D 269 -17.77 20.33 -52.48
N ASP D 270 -18.32 19.16 -52.16
CA ASP D 270 -18.79 18.89 -50.81
C ASP D 270 -17.70 18.39 -49.87
N LEU D 271 -16.48 18.18 -50.36
CA LEU D 271 -15.40 17.69 -49.50
C LEU D 271 -15.06 18.69 -48.40
N ARG D 272 -15.12 19.99 -48.70
CA ARG D 272 -14.83 20.99 -47.68
C ARG D 272 -15.84 20.92 -46.54
N LEU D 273 -17.13 20.82 -46.87
CA LEU D 273 -18.15 20.70 -45.84
C LEU D 273 -18.00 19.40 -45.07
N ALA D 274 -17.65 18.31 -45.79
CA ALA D 274 -17.43 17.04 -45.11
C ALA D 274 -16.28 17.13 -44.11
N LEU D 275 -15.17 17.76 -44.51
CA LEU D 275 -14.05 17.94 -43.59
C LEU D 275 -14.45 18.80 -42.40
N SER D 276 -15.22 19.86 -42.63
CA SER D 276 -15.64 20.72 -41.55
C SER D 276 -16.50 19.96 -40.55
N VAL D 277 -17.48 19.20 -41.03
CA VAL D 277 -18.36 18.48 -40.12
C VAL D 277 -17.61 17.36 -39.40
N THR D 278 -16.65 16.72 -40.08
CA THR D 278 -15.84 15.71 -39.39
C THR D 278 -14.98 16.33 -38.30
N GLU D 279 -14.44 17.52 -38.54
CA GLU D 279 -13.71 18.22 -37.49
C GLU D 279 -14.61 18.56 -36.32
N THR D 280 -15.83 19.02 -36.61
CA THR D 280 -16.76 19.35 -35.53
C THR D 280 -17.10 18.12 -34.69
N VAL D 281 -17.38 16.99 -35.35
CA VAL D 281 -17.73 15.79 -34.58
C VAL D 281 -16.51 15.26 -33.84
N ALA D 282 -15.30 15.42 -34.40
CA ALA D 282 -14.10 15.02 -33.68
C ALA D 282 -13.90 15.86 -32.42
N PHE D 283 -14.13 17.17 -32.50
CA PHE D 283 -14.01 18.01 -31.32
C PHE D 283 -15.09 17.69 -30.30
N SER D 284 -16.30 17.35 -30.77
CA SER D 284 -17.34 16.91 -29.85
C SER D 284 -16.93 15.63 -29.13
N HIS D 285 -16.35 14.68 -29.87
CA HIS D 285 -15.82 13.48 -29.23
C HIS D 285 -14.75 13.82 -28.20
N CYS D 286 -13.87 14.76 -28.54
CA CYS D 286 -12.84 15.16 -27.60
C CYS D 286 -13.43 15.72 -26.32
N CYS D 287 -14.47 16.53 -26.44
CA CYS D 287 -15.04 17.15 -25.24
C CYS D 287 -15.82 16.14 -24.41
N LEU D 288 -16.49 15.19 -25.05
CA LEU D 288 -17.29 14.21 -24.30
C LEU D 288 -16.51 12.96 -23.93
N ASN D 289 -15.24 12.87 -24.32
CA ASN D 289 -14.41 11.72 -23.92
C ASN D 289 -14.32 11.54 -22.41
N PRO D 290 -14.02 12.56 -21.60
CA PRO D 290 -13.99 12.34 -20.15
C PRO D 290 -15.32 12.49 -19.46
N LEU D 291 -16.38 12.88 -20.16
CA LEU D 291 -17.72 12.86 -19.58
C LEU D 291 -18.23 11.43 -19.42
N ILE D 292 -17.72 10.50 -20.22
CA ILE D 292 -18.11 9.09 -20.08
C ILE D 292 -17.62 8.54 -18.75
N TYR D 293 -16.44 8.98 -18.29
CA TYR D 293 -15.89 8.51 -17.03
C TYR D 293 -16.70 8.96 -15.83
N ALA D 294 -17.60 9.95 -16.01
CA ALA D 294 -18.32 10.50 -14.87
C ALA D 294 -19.46 9.59 -14.43
N PHE D 295 -20.44 9.35 -15.31
CA PHE D 295 -21.57 8.53 -14.94
C PHE D 295 -21.21 7.05 -14.86
N ALA D 296 -20.29 6.59 -15.71
CA ALA D 296 -19.90 5.18 -15.71
C ALA D 296 -18.83 4.86 -14.67
N GLY D 297 -18.06 5.85 -14.23
CA GLY D 297 -17.03 5.63 -13.23
C GLY D 297 -17.49 5.94 -11.83
N GLU D 298 -17.70 4.89 -11.02
CA GLU D 298 -18.20 5.09 -9.66
C GLU D 298 -17.20 5.85 -8.81
N LYS D 299 -15.92 5.47 -8.87
CA LYS D 299 -14.92 6.15 -8.06
C LYS D 299 -14.61 7.54 -8.59
N PHE D 300 -14.71 7.74 -9.91
CA PHE D 300 -14.56 9.09 -10.46
C PHE D 300 -15.68 10.00 -9.99
N ARG D 301 -16.92 9.49 -9.97
CA ARG D 301 -18.04 10.27 -9.44
C ARG D 301 -17.86 10.53 -7.95
N ARG D 302 -17.37 9.55 -7.20
CA ARG D 302 -17.09 9.75 -5.79
C ARG D 302 -16.01 10.80 -5.58
N TYR D 303 -14.98 10.79 -6.42
CA TYR D 303 -13.92 11.80 -6.32
C TYR D 303 -14.47 13.19 -6.62
N LEU D 304 -15.40 13.30 -7.57
CA LEU D 304 -15.98 14.60 -7.89
C LEU D 304 -16.73 15.17 -6.69
N TYR D 305 -17.46 14.33 -5.96
CA TYR D 305 -18.14 14.79 -4.76
C TYR D 305 -17.16 15.28 -3.72
N HIS D 306 -16.03 14.57 -3.54
CA HIS D 306 -15.00 15.01 -2.60
C HIS D 306 -14.37 16.32 -3.06
N LEU D 307 -14.10 16.46 -4.36
CA LEU D 307 -13.49 17.68 -4.86
C LEU D 307 -14.45 18.87 -4.76
N TYR D 308 -15.74 18.63 -5.04
CA TYR D 308 -16.72 19.71 -4.95
C TYR D 308 -16.89 20.21 -3.52
N GLY D 309 -16.59 19.37 -2.53
CA GLY D 309 -16.69 19.80 -1.14
C GLY D 309 -15.70 20.89 -0.78
N LYS D 310 -14.50 20.83 -1.34
CA LYS D 310 -13.46 21.82 -1.07
C LYS D 310 -13.86 23.20 -1.62
C1 CLR E . 3.14 12.16 -19.69
C2 CLR E . 3.19 11.27 -18.47
C3 CLR E . 3.95 9.93 -18.72
C4 CLR E . 5.36 10.32 -19.31
C5 CLR E . 5.29 11.21 -20.47
C6 CLR E . 5.77 10.69 -21.74
C7 CLR E . 5.92 11.53 -22.95
C8 CLR E . 5.38 12.95 -22.78
C9 CLR E . 4.15 13.02 -21.85
C10 CLR E . 4.49 12.47 -20.40
C11 CLR E . 3.48 14.40 -21.85
C12 CLR E . 3.32 15.12 -23.20
C13 CLR E . 4.55 15.04 -24.09
C14 CLR E . 4.98 13.54 -24.14
C15 CLR E . 6.02 13.51 -25.25
C16 CLR E . 5.63 14.65 -26.21
C17 CLR E . 4.37 15.35 -25.62
C18 CLR E . 5.64 15.95 -23.48
C19 CLR E . 5.27 13.54 -19.58
C20 CLR E . 4.20 16.85 -26.06
C21 CLR E . 2.72 17.19 -26.22
C22 CLR E . 4.92 17.22 -27.39
C23 CLR E . 4.78 18.72 -27.80
C24 CLR E . 5.70 19.18 -28.96
C25 CLR E . 5.67 18.27 -30.22
C26 CLR E . 5.26 19.04 -31.48
C27 CLR E . 7.00 17.56 -30.49
O1 CLR E . 4.03 9.18 -17.67
C1 CLR F . 8.58 1.48 -26.14
C2 CLR F . 9.81 1.30 -25.27
C3 CLR F . 9.61 0.24 -24.15
C4 CLR F . 9.10 -1.09 -24.85
C5 CLR F . 7.93 -0.85 -25.69
C6 CLR F . 6.88 -1.88 -25.66
C7 CLR F . 5.57 -1.65 -26.30
C8 CLR F . 5.63 -0.69 -27.48
C9 CLR F . 6.47 0.58 -27.19
C10 CLR F . 7.94 0.20 -26.75
C11 CLR F . 6.40 1.58 -28.36
C12 CLR F . 5.04 1.82 -29.04
C13 CLR F . 4.18 0.58 -29.24
C14 CLR F . 4.23 -0.23 -27.89
C15 CLR F . 3.16 -1.29 -28.08
C16 CLR F . 2.11 -0.64 -28.99
C17 CLR F . 2.63 0.76 -29.40
C18 CLR F . 4.76 -0.23 -30.42
C19 CLR F . 8.79 -0.26 -27.95
C20 CLR F . 2.04 1.26 -30.78
C21 CLR F . 2.15 2.78 -30.91
C22 CLR F . 0.54 0.87 -31.01
C23 CLR F . -0.08 1.33 -32.35
C24 CLR F . 0.60 0.77 -33.61
C25 CLR F . -0.31 0.75 -34.87
C26 CLR F . -1.51 -0.18 -34.70
C27 CLR F . 0.44 0.33 -36.14
O1 CLR F . 10.68 0.05 -23.42
C1 CLR G . -19.95 -10.46 -27.36
C2 CLR G . -21.00 -10.40 -26.27
C3 CLR G . -20.73 -9.28 -25.20
C4 CLR G . -20.50 -7.94 -26.00
C5 CLR G . -19.49 -8.07 -27.04
C6 CLR G . -18.57 -6.94 -27.22
C7 CLR G . -17.42 -7.02 -28.15
C8 CLR G . -17.64 -8.00 -29.30
C9 CLR G . -18.23 -9.35 -28.83
C10 CLR G . -19.60 -9.14 -28.08
C11 CLR G . -18.28 -10.40 -29.96
C12 CLR G . -17.11 -10.47 -30.96
C13 CLR G . -16.52 -9.12 -31.36
C14 CLR G . -16.33 -8.28 -30.06
C15 CLR G . -15.49 -7.10 -30.51
C16 CLR G . -14.64 -7.64 -31.68
C17 CLR G . -15.06 -9.10 -31.94
C18 CLR G . -17.49 -8.44 -32.35
C19 CLR G . -20.73 -8.80 -29.09
C20 CLR G . -14.82 -9.58 -33.42
C21 CLR G . -14.63 -11.09 -33.49
C22 CLR G . -13.61 -8.90 -34.12
C23 CLR G . -12.82 -9.76 -35.14
C24 CLR G . -11.30 -9.45 -35.23
C25 CLR G . -10.63 -9.89 -36.56
C26 CLR G . -9.19 -9.41 -36.70
C27 CLR G . -10.66 -11.42 -36.79
O1 CLR G . -21.66 -9.20 -24.30
#